data_5QTQ
#
_entry.id   5QTQ
#
_cell.length_a   48.998
_cell.length_b   59.703
_cell.length_c   80.195
_cell.angle_alpha   79.380
_cell.angle_beta   81.670
_cell.angle_gamma   75.860
#
_symmetry.space_group_name_H-M   'P 1'
#
loop_
_entity.id
_entity.type
_entity.pdbx_description
1 polymer 'ADP-sugar pyrophosphatase'
2 non-polymer 'MAGNESIUM ION'
3 non-polymer 5-fluoroquinazolin-4(3H)-one
4 non-polymer 1,2-ETHANEDIOL
5 non-polymer 'CHLORIDE ION'
6 water water
#
_entity_poly.entity_id   1
_entity_poly.type   'polypeptide(L)'
_entity_poly.pdbx_seq_one_letter_code
;SMESQEPTESSQNGKQYIISEELISEGKWVKLEKTTYMDPTGKTRTWESVKRTTRKEQTADGVAVIPVLQRTLHYECIVL
VKQFRPPMGGYCIEFPAGLIDDGETPEAAALRELEEETGYKGDIAECSPAVCMDPGLSNCTIHIVTVTINGDDAENARPK
PKPGDGEFVEVISLPKNDLLQRLDALVAEEHLTVDARVYSYALALKHAN
;
_entity_poly.pdbx_strand_id   A,B,C,D
#
# COMPACT_ATOMS: atom_id res chain seq x y z
N LYS A 15 -11.00 -13.61 43.73
CA LYS A 15 -12.12 -14.34 44.41
C LYS A 15 -12.49 -15.60 43.60
N GLN A 16 -12.45 -15.55 42.27
CA GLN A 16 -13.03 -16.64 41.41
C GLN A 16 -12.02 -17.78 41.16
N TYR A 17 -12.52 -19.01 41.03
CA TYR A 17 -11.67 -20.21 40.87
C TYR A 17 -12.51 -21.39 40.41
N ILE A 18 -11.85 -22.39 39.85
CA ILE A 18 -12.45 -23.66 39.38
C ILE A 18 -12.73 -24.54 40.60
N ILE A 19 -13.95 -25.07 40.67
CA ILE A 19 -14.43 -26.06 41.69
C ILE A 19 -14.27 -27.47 41.12
N SER A 20 -14.72 -27.71 39.89
CA SER A 20 -14.52 -29.01 39.21
C SER A 20 -14.59 -28.87 37.69
N GLU A 21 -14.09 -29.87 36.98
CA GLU A 21 -14.20 -29.97 35.49
C GLU A 21 -14.70 -31.38 35.20
N GLU A 22 -15.92 -31.51 34.68
CA GLU A 22 -16.56 -32.79 34.28
C GLU A 22 -16.45 -32.96 32.77
N LEU A 23 -15.83 -34.05 32.30
CA LEU A 23 -15.75 -34.38 30.86
C LEU A 23 -17.18 -34.63 30.35
N ILE A 24 -17.63 -33.89 29.34
CA ILE A 24 -18.93 -34.18 28.67
C ILE A 24 -18.67 -35.09 27.45
N SER A 25 -17.72 -34.76 26.58
CA SER A 25 -17.49 -35.51 25.33
C SER A 25 -16.02 -35.33 24.91
N GLU A 26 -15.35 -36.41 24.51
CA GLU A 26 -13.89 -36.44 24.27
C GLU A 26 -13.71 -37.03 22.89
N GLY A 27 -13.21 -36.24 21.95
CA GLY A 27 -12.74 -36.71 20.64
C GLY A 27 -11.27 -37.05 20.73
N LYS A 28 -10.66 -37.26 19.57
CA LYS A 28 -9.21 -37.53 19.41
C LYS A 28 -8.41 -36.23 19.62
N TRP A 29 -8.99 -35.08 19.25
CA TRP A 29 -8.31 -33.76 19.16
C TRP A 29 -8.95 -32.73 20.12
N VAL A 30 -10.27 -32.79 20.30
CA VAL A 30 -11.07 -31.79 21.07
C VAL A 30 -11.99 -32.50 22.06
N LYS A 31 -12.17 -31.91 23.24
CA LYS A 31 -13.19 -32.33 24.22
C LYS A 31 -14.01 -31.12 24.68
N LEU A 32 -15.26 -31.39 25.08
CA LEU A 32 -16.20 -30.47 25.75
C LEU A 32 -16.28 -30.86 27.23
N GLU A 33 -16.11 -29.89 28.13
CA GLU A 33 -16.24 -30.07 29.59
C GLU A 33 -17.32 -29.14 30.17
N LYS A 34 -17.93 -29.58 31.28
CA LYS A 34 -18.81 -28.75 32.14
C LYS A 34 -17.95 -28.19 33.28
N THR A 35 -17.76 -26.86 33.31
CA THR A 35 -16.85 -26.20 34.27
C THR A 35 -17.71 -25.65 35.39
N THR A 36 -17.45 -26.10 36.62
CA THR A 36 -18.06 -25.53 37.83
C THR A 36 -17.03 -24.60 38.46
N TYR A 37 -17.44 -23.36 38.71
CA TYR A 37 -16.54 -22.31 39.26
C TYR A 37 -17.27 -21.52 40.34
N MET A 38 -16.51 -20.86 41.21
CA MET A 38 -17.08 -19.93 42.22
C MET A 38 -17.14 -18.53 41.63
N ASP A 39 -18.31 -17.91 41.61
CA ASP A 39 -18.48 -16.51 41.11
C ASP A 39 -18.11 -15.59 42.28
N PRO A 40 -17.91 -14.27 42.05
CA PRO A 40 -17.34 -13.39 43.08
C PRO A 40 -18.31 -13.00 44.21
N THR A 41 -19.60 -13.29 44.07
CA THR A 41 -20.63 -13.14 45.14
C THR A 41 -20.58 -14.35 46.09
N GLY A 42 -19.83 -15.40 45.74
CA GLY A 42 -19.73 -16.65 46.51
C GLY A 42 -20.66 -17.75 46.02
N LYS A 43 -21.33 -17.52 44.88
CA LYS A 43 -22.32 -18.44 44.27
C LYS A 43 -21.62 -19.36 43.25
N THR A 44 -21.91 -20.67 43.35
CA THR A 44 -21.50 -21.74 42.39
C THR A 44 -22.21 -21.51 41.05
N ARG A 45 -21.47 -21.55 39.94
CA ARG A 45 -22.03 -21.42 38.56
C ARG A 45 -21.33 -22.42 37.62
N THR A 46 -21.90 -22.71 36.46
CA THR A 46 -21.25 -23.63 35.48
C THR A 46 -21.03 -22.90 34.15
N TRP A 47 -20.22 -23.52 33.32
CA TRP A 47 -19.80 -23.00 32.00
C TRP A 47 -19.49 -24.21 31.11
N GLU A 48 -19.84 -24.13 29.86
CA GLU A 48 -19.42 -25.11 28.84
C GLU A 48 -18.09 -24.67 28.24
N SER A 49 -17.05 -25.46 28.46
CA SER A 49 -15.64 -25.18 28.10
C SER A 49 -15.17 -26.18 27.04
N VAL A 50 -14.41 -25.68 26.08
CA VAL A 50 -13.72 -26.48 25.04
C VAL A 50 -12.22 -26.57 25.37
N LYS A 51 -11.65 -27.75 25.25
CA LYS A 51 -10.20 -27.94 25.43
C LYS A 51 -9.65 -28.86 24.34
N ARG A 52 -8.36 -28.79 24.07
CA ARG A 52 -7.70 -29.73 23.15
C ARG A 52 -7.29 -30.95 23.97
N THR A 53 -7.13 -32.11 23.33
CA THR A 53 -6.68 -33.35 24.02
C THR A 53 -5.16 -33.51 23.94
N THR A 54 -4.48 -32.57 23.28
CA THR A 54 -3.08 -32.71 22.78
C THR A 54 -2.09 -31.98 23.69
N ARG A 55 -2.54 -31.27 24.73
CA ARG A 55 -1.64 -30.41 25.55
C ARG A 55 -0.99 -31.25 26.64
N LYS A 56 0.34 -31.39 26.60
CA LYS A 56 1.14 -32.17 27.58
C LYS A 56 1.82 -31.18 28.54
N GLU A 57 3.14 -30.98 28.38
CA GLU A 57 3.96 -30.04 29.22
C GLU A 57 4.27 -28.75 28.44
N GLN A 58 3.66 -28.56 27.27
CA GLN A 58 3.86 -27.34 26.44
C GLN A 58 3.30 -26.14 27.23
N THR A 59 3.94 -24.99 27.14
CA THR A 59 3.48 -23.76 27.85
C THR A 59 2.25 -23.20 27.13
N ALA A 60 1.90 -23.79 25.97
CA ALA A 60 0.74 -23.41 25.16
C ALA A 60 0.43 -24.56 24.21
N ASP A 61 -0.76 -24.55 23.63
CA ASP A 61 -1.15 -25.51 22.59
C ASP A 61 -0.28 -25.34 21.34
N GLY A 62 -0.12 -24.10 20.90
CA GLY A 62 0.45 -23.79 19.61
C GLY A 62 1.30 -22.54 19.56
N VAL A 63 1.73 -22.25 18.35
CA VAL A 63 2.43 -21.00 18.00
C VAL A 63 1.73 -20.41 16.79
N ALA A 64 1.70 -19.09 16.75
CA ALA A 64 1.43 -18.28 15.53
C ALA A 64 2.69 -17.47 15.23
N VAL A 65 3.08 -17.41 13.96
CA VAL A 65 4.34 -16.71 13.59
C VAL A 65 4.00 -15.41 12.88
N ILE A 66 4.55 -14.30 13.38
CA ILE A 66 4.50 -13.00 12.66
C ILE A 66 5.80 -12.92 11.89
N PRO A 67 5.78 -13.27 10.59
CA PRO A 67 7.02 -13.39 9.83
C PRO A 67 7.24 -12.13 8.98
N VAL A 68 8.28 -11.34 9.33
CA VAL A 68 8.58 -10.04 8.67
C VAL A 68 9.65 -10.30 7.60
N LEU A 69 9.25 -10.31 6.33
CA LEU A 69 10.15 -10.61 5.22
C LEU A 69 10.85 -9.33 4.86
N GLN A 70 12.17 -9.33 5.02
CA GLN A 70 13.04 -8.14 4.80
C GLN A 70 13.95 -8.44 3.62
N ARG A 71 14.00 -7.51 2.65
CA ARG A 71 14.84 -7.58 1.45
C ARG A 71 15.26 -6.16 1.09
N THR A 72 16.51 -6.01 0.62
CA THR A 72 17.05 -4.66 0.34
C THR A 72 16.24 -4.08 -0.84
N LEU A 73 15.85 -2.82 -0.73
CA LEU A 73 15.11 -2.07 -1.78
C LEU A 73 13.70 -2.66 -1.98
N HIS A 74 13.18 -3.32 -0.95
CA HIS A 74 11.75 -3.77 -0.82
C HIS A 74 11.16 -3.24 0.48
N TYR A 75 9.87 -2.91 0.47
CA TYR A 75 9.11 -2.67 1.70
C TYR A 75 9.01 -4.00 2.44
N GLU A 76 9.08 -3.97 3.76
CA GLU A 76 8.91 -5.20 4.59
C GLU A 76 7.54 -5.78 4.26
N CYS A 77 7.46 -7.11 4.11
CA CYS A 77 6.17 -7.82 3.91
C CYS A 77 5.86 -8.64 5.15
N ILE A 78 4.57 -8.82 5.45
CA ILE A 78 4.11 -9.81 6.45
C ILE A 78 3.75 -11.06 5.64
N VAL A 79 4.30 -12.19 6.01
CA VAL A 79 4.02 -13.47 5.30
C VAL A 79 2.83 -14.15 5.98
N LEU A 80 1.84 -14.48 5.16
CA LEU A 80 0.52 -15.02 5.59
C LEU A 80 0.32 -16.31 4.81
N VAL A 81 -0.57 -17.15 5.31
CA VAL A 81 -0.91 -18.43 4.63
C VAL A 81 -2.42 -18.48 4.48
N LYS A 82 -2.85 -19.15 3.43
CA LYS A 82 -4.29 -19.33 3.08
C LYS A 82 -4.51 -20.84 3.01
N GLN A 83 -5.47 -21.36 3.76
CA GLN A 83 -5.74 -22.81 3.89
C GLN A 83 -7.22 -23.00 4.02
N PHE A 84 -7.69 -24.18 3.66
CA PHE A 84 -9.10 -24.59 3.93
C PHE A 84 -9.16 -24.96 5.42
N ARG A 85 -10.11 -24.38 6.13
CA ARG A 85 -10.37 -24.71 7.54
C ARG A 85 -11.73 -25.39 7.62
N PRO A 86 -11.75 -26.73 7.81
CA PRO A 86 -13.00 -27.45 8.00
C PRO A 86 -13.97 -26.79 8.97
N PRO A 87 -13.57 -26.35 10.19
CA PRO A 87 -14.55 -25.75 11.10
C PRO A 87 -15.28 -24.55 10.46
N MET A 88 -14.60 -23.83 9.56
CA MET A 88 -15.13 -22.61 8.91
C MET A 88 -15.90 -22.96 7.62
N GLY A 89 -15.75 -24.17 7.07
CA GLY A 89 -16.28 -24.52 5.73
C GLY A 89 -15.77 -23.57 4.67
N GLY A 90 -14.47 -23.22 4.69
CA GLY A 90 -13.93 -22.19 3.79
C GLY A 90 -12.45 -21.93 4.01
N TYR A 91 -11.89 -21.08 3.16
CA TYR A 91 -10.48 -20.61 3.17
C TYR A 91 -10.33 -19.45 4.15
N CYS A 92 -9.21 -19.49 4.84
CA CYS A 92 -8.88 -18.46 5.85
C CYS A 92 -7.48 -17.96 5.57
N ILE A 93 -7.26 -16.67 5.83
CA ILE A 93 -5.91 -16.06 5.77
C ILE A 93 -5.43 -15.88 7.20
N GLU A 94 -4.29 -16.48 7.53
CA GLU A 94 -3.74 -16.54 8.91
C GLU A 94 -2.22 -16.32 8.89
N PHE A 95 -1.68 -15.94 10.04
CA PHE A 95 -0.25 -16.12 10.36
C PHE A 95 0.04 -17.61 10.26
N PRO A 96 1.21 -18.01 9.73
CA PRO A 96 1.65 -19.40 9.85
C PRO A 96 1.61 -19.82 11.32
N ALA A 97 1.22 -21.05 11.56
CA ALA A 97 0.85 -21.51 12.91
C ALA A 97 0.84 -23.01 12.94
N GLY A 98 1.08 -23.58 14.13
CA GLY A 98 0.83 -25.00 14.35
C GLY A 98 0.94 -25.31 15.82
N LEU A 99 0.58 -26.53 16.16
CA LEU A 99 0.67 -27.02 17.56
C LEU A 99 2.14 -27.21 17.93
N ILE A 100 2.46 -27.09 19.21
CA ILE A 100 3.86 -27.34 19.68
C ILE A 100 3.99 -28.85 19.90
N ASP A 101 4.97 -29.50 19.26
CA ASP A 101 5.25 -30.96 19.49
C ASP A 101 5.69 -31.15 20.94
N ASP A 102 5.35 -32.29 21.56
CA ASP A 102 5.87 -32.72 22.89
C ASP A 102 7.40 -32.46 22.94
N GLY A 103 7.89 -31.65 23.88
CA GLY A 103 9.34 -31.47 24.12
C GLY A 103 9.91 -30.32 23.33
N GLU A 104 9.09 -29.72 22.46
CA GLU A 104 9.54 -28.68 21.51
C GLU A 104 9.38 -27.32 22.19
N THR A 105 10.30 -26.41 21.95
CA THR A 105 10.21 -25.03 22.44
C THR A 105 9.23 -24.26 21.55
N PRO A 106 8.56 -23.22 22.06
CA PRO A 106 7.75 -22.37 21.19
C PRO A 106 8.55 -21.86 19.98
N GLU A 107 9.76 -21.37 20.21
CA GLU A 107 10.66 -20.82 19.16
C GLU A 107 10.94 -21.88 18.09
N ALA A 108 11.27 -23.11 18.45
CA ALA A 108 11.59 -24.16 17.43
C ALA A 108 10.29 -24.51 16.69
N ALA A 109 9.15 -24.57 17.42
CA ALA A 109 7.85 -24.86 16.77
C ALA A 109 7.59 -23.75 15.73
N ALA A 110 7.79 -22.48 16.10
CA ALA A 110 7.56 -21.29 15.23
C ALA A 110 8.41 -21.37 13.96
N LEU A 111 9.70 -21.60 14.13
CA LEU A 111 10.64 -21.65 12.97
C LEU A 111 10.31 -22.87 12.12
N ARG A 112 9.97 -23.99 12.75
CA ARG A 112 9.67 -25.25 12.03
C ARG A 112 8.38 -25.06 11.24
N GLU A 113 7.32 -24.59 11.90
CA GLU A 113 6.02 -24.37 11.20
C GLU A 113 6.16 -23.31 10.08
N LEU A 114 6.88 -22.21 10.31
CA LEU A 114 7.13 -21.18 9.27
C LEU A 114 7.77 -21.85 8.05
N GLU A 115 8.80 -22.67 8.26
CA GLU A 115 9.48 -23.35 7.14
C GLU A 115 8.54 -24.33 6.46
N GLU A 116 7.84 -25.20 7.20
CA GLU A 116 6.90 -26.17 6.59
C GLU A 116 5.81 -25.47 5.79
N GLU A 117 5.23 -24.40 6.33
CA GLU A 117 4.03 -23.74 5.73
C GLU A 117 4.47 -22.82 4.59
N THR A 118 5.66 -22.23 4.64
CA THR A 118 6.03 -21.14 3.70
C THR A 118 7.30 -21.44 2.91
N GLY A 119 8.20 -22.32 3.36
CA GLY A 119 9.55 -22.44 2.74
C GLY A 119 10.60 -21.52 3.37
N TYR A 120 10.20 -20.44 4.03
CA TYR A 120 11.14 -19.47 4.61
C TYR A 120 11.82 -20.02 5.87
N LYS A 121 13.12 -19.73 5.94
CA LYS A 121 13.94 -19.90 7.14
C LYS A 121 14.06 -18.55 7.82
N GLY A 122 13.48 -18.46 9.00
CA GLY A 122 13.39 -17.21 9.74
C GLY A 122 14.47 -17.12 10.78
N ASP A 123 14.59 -15.96 11.37
CA ASP A 123 15.46 -15.73 12.55
C ASP A 123 14.51 -15.26 13.64
N ILE A 124 14.59 -15.85 14.81
CA ILE A 124 13.75 -15.43 15.95
C ILE A 124 13.98 -13.94 16.24
N ALA A 125 12.90 -13.22 16.55
CA ALA A 125 12.99 -11.81 17.00
C ALA A 125 12.49 -11.71 18.44
N GLU A 126 11.30 -12.24 18.71
CA GLU A 126 10.69 -12.18 20.07
C GLU A 126 9.62 -13.26 20.18
N CYS A 127 9.25 -13.57 21.40
CA CYS A 127 8.31 -14.66 21.72
C CYS A 127 7.42 -14.15 22.84
N SER A 128 6.11 -14.14 22.61
CA SER A 128 5.10 -13.70 23.60
C SER A 128 5.05 -14.73 24.72
N PRO A 129 4.52 -14.34 25.89
CA PRO A 129 3.94 -15.34 26.80
C PRO A 129 2.76 -16.03 26.09
N ALA A 130 2.30 -17.12 26.67
CA ALA A 130 1.05 -17.83 26.35
C ALA A 130 -0.13 -16.85 26.35
N VAL A 131 -0.79 -16.66 25.21
CA VAL A 131 -1.96 -15.75 25.07
C VAL A 131 -3.19 -16.57 24.67
N CYS A 132 -4.39 -16.15 25.06
CA CYS A 132 -5.60 -17.00 24.91
C CYS A 132 -6.26 -16.69 23.58
N MET A 133 -6.73 -17.76 22.94
CA MET A 133 -7.28 -17.74 21.58
C MET A 133 -8.75 -17.27 21.60
N ASP A 134 -9.54 -17.68 22.59
CA ASP A 134 -11.00 -17.42 22.63
C ASP A 134 -11.48 -17.80 24.03
N PRO A 135 -11.13 -16.99 25.06
CA PRO A 135 -11.12 -17.47 26.43
C PRO A 135 -12.53 -17.69 27.03
N GLY A 136 -13.56 -17.13 26.40
CA GLY A 136 -14.98 -17.45 26.68
C GLY A 136 -15.37 -18.85 26.20
N LEU A 137 -14.65 -19.41 25.24
CA LEU A 137 -14.99 -20.69 24.58
C LEU A 137 -14.06 -21.81 25.04
N SER A 138 -12.76 -21.54 25.11
CA SER A 138 -11.72 -22.60 25.14
C SER A 138 -10.59 -22.18 26.08
N ASN A 139 -9.77 -23.14 26.48
CA ASN A 139 -8.52 -22.86 27.22
C ASN A 139 -7.36 -22.72 26.20
N CYS A 140 -7.60 -22.71 24.91
CA CYS A 140 -6.52 -22.80 23.92
C CYS A 140 -5.64 -21.54 24.01
N THR A 141 -4.33 -21.78 24.03
CA THR A 141 -3.31 -20.71 24.09
C THR A 141 -2.26 -20.93 22.99
N ILE A 142 -1.59 -19.85 22.64
CA ILE A 142 -0.43 -19.87 21.72
C ILE A 142 0.66 -18.98 22.31
N HIS A 143 1.89 -19.19 21.83
CA HIS A 143 2.95 -18.16 21.77
C HIS A 143 2.86 -17.51 20.39
N ILE A 144 2.82 -16.19 20.38
CA ILE A 144 3.01 -15.39 19.15
C ILE A 144 4.51 -15.13 19.02
N VAL A 145 5.10 -15.73 18.00
CA VAL A 145 6.57 -15.62 17.78
C VAL A 145 6.82 -14.72 16.60
N THR A 146 7.46 -13.58 16.85
CA THR A 146 7.94 -12.63 15.80
C THR A 146 9.28 -13.18 15.28
N VAL A 147 9.38 -13.29 13.97
CA VAL A 147 10.55 -13.85 13.27
C VAL A 147 10.82 -12.89 12.12
N THR A 148 12.09 -12.56 11.86
CA THR A 148 12.49 -11.84 10.64
C THR A 148 12.95 -12.89 9.62
N ILE A 149 12.68 -12.68 8.35
CA ILE A 149 13.15 -13.52 7.24
C ILE A 149 14.11 -12.64 6.42
N ASN A 150 15.36 -13.07 6.31
CA ASN A 150 16.31 -12.37 5.43
C ASN A 150 16.00 -12.87 4.00
N GLY A 151 15.22 -12.07 3.25
CA GLY A 151 14.85 -12.41 1.87
C GLY A 151 16.01 -12.22 0.90
N ASP A 152 17.12 -11.63 1.33
CA ASP A 152 18.37 -11.52 0.50
C ASP A 152 19.17 -12.83 0.61
N ASP A 153 18.98 -13.64 1.66
CA ASP A 153 19.71 -14.93 1.82
C ASP A 153 19.25 -15.92 0.74
N ALA A 154 20.17 -16.79 0.31
CA ALA A 154 20.02 -17.83 -0.73
C ALA A 154 18.77 -18.70 -0.50
N GLU A 155 18.65 -19.30 0.70
CA GLU A 155 17.59 -20.31 1.01
C GLU A 155 16.22 -19.63 0.94
N ASN A 156 16.15 -18.31 1.12
CA ASN A 156 14.89 -17.52 1.13
C ASN A 156 14.64 -16.94 -0.26
N ALA A 157 15.41 -17.42 -1.25
CA ALA A 157 15.35 -16.99 -2.67
C ALA A 157 14.09 -17.56 -3.32
N ARG A 158 13.99 -18.89 -3.43
CA ARG A 158 12.81 -19.62 -3.94
C ARG A 158 12.33 -20.59 -2.85
N PRO A 159 11.53 -20.11 -1.87
CA PRO A 159 11.07 -20.96 -0.77
C PRO A 159 9.97 -21.95 -1.19
N LYS A 160 10.14 -23.22 -0.84
CA LYS A 160 9.18 -24.33 -1.13
C LYS A 160 8.54 -24.79 0.18
N PRO A 161 7.21 -24.60 0.37
CA PRO A 161 6.52 -25.19 1.51
C PRO A 161 6.73 -26.73 1.53
N LYS A 162 7.08 -27.28 2.70
CA LYS A 162 7.14 -28.75 2.96
C LYS A 162 5.90 -29.12 3.77
N PRO A 163 4.72 -29.13 3.15
CA PRO A 163 3.48 -29.39 3.89
C PRO A 163 3.43 -30.87 4.30
N GLY A 164 2.93 -31.13 5.52
CA GLY A 164 2.68 -32.49 6.04
C GLY A 164 1.51 -33.16 5.34
N ASP A 165 1.08 -34.31 5.85
CA ASP A 165 -0.03 -35.12 5.27
C ASP A 165 -1.33 -34.31 5.32
N GLY A 166 -1.99 -34.13 4.16
CA GLY A 166 -3.27 -33.40 4.03
C GLY A 166 -3.05 -31.90 3.94
N GLU A 167 -2.19 -31.35 4.81
CA GLU A 167 -1.80 -29.92 4.85
C GLU A 167 -1.57 -29.40 3.42
N PHE A 168 -2.43 -28.51 2.92
CA PHE A 168 -2.16 -27.72 1.70
C PHE A 168 -2.30 -26.23 1.99
N VAL A 169 -1.18 -25.51 1.90
CA VAL A 169 -1.07 -24.08 2.25
C VAL A 169 -0.60 -23.27 1.04
N GLU A 170 -1.17 -22.08 0.87
CA GLU A 170 -0.74 -21.05 -0.12
C GLU A 170 -0.11 -19.90 0.67
N VAL A 171 1.01 -19.35 0.18
CA VAL A 171 1.73 -18.26 0.86
C VAL A 171 1.26 -16.93 0.27
N ILE A 172 0.92 -15.97 1.13
CA ILE A 172 0.55 -14.60 0.70
C ILE A 172 1.41 -13.60 1.49
N SER A 173 2.29 -12.90 0.78
CA SER A 173 3.20 -11.86 1.31
C SER A 173 2.64 -10.48 0.99
N LEU A 174 2.29 -9.71 2.01
CA LEU A 174 1.64 -8.40 1.83
C LEU A 174 2.53 -7.35 2.46
N PRO A 175 2.69 -6.16 1.83
CA PRO A 175 3.46 -5.08 2.41
C PRO A 175 2.90 -4.66 3.75
N LYS A 176 3.77 -4.60 4.75
CA LYS A 176 3.40 -4.16 6.11
C LYS A 176 2.77 -2.77 6.07
N ASN A 177 3.25 -1.90 5.16
CA ASN A 177 2.89 -0.45 5.09
C ASN A 177 1.49 -0.31 4.49
N ASP A 178 0.88 -1.39 3.98
CA ASP A 178 -0.48 -1.32 3.36
C ASP A 178 -1.29 -2.56 3.74
N LEU A 179 -1.01 -3.18 4.90
CA LEU A 179 -1.52 -4.54 5.16
C LEU A 179 -3.05 -4.53 5.19
N LEU A 180 -3.66 -3.62 5.93
CA LEU A 180 -5.13 -3.61 6.09
C LEU A 180 -5.81 -3.45 4.72
N GLN A 181 -5.35 -2.54 3.87
CA GLN A 181 -5.98 -2.30 2.54
C GLN A 181 -5.80 -3.57 1.69
N ARG A 182 -4.68 -4.27 1.79
CA ARG A 182 -4.41 -5.46 0.94
C ARG A 182 -5.29 -6.64 1.40
N LEU A 183 -5.53 -6.77 2.72
CA LEU A 183 -6.46 -7.77 3.30
C LEU A 183 -7.91 -7.47 2.86
N ASP A 184 -8.33 -6.22 2.99
CA ASP A 184 -9.65 -5.75 2.48
C ASP A 184 -9.76 -6.08 0.98
N ALA A 185 -8.73 -5.91 0.16
CA ALA A 185 -8.86 -6.20 -1.30
C ALA A 185 -8.92 -7.71 -1.56
N LEU A 186 -8.30 -8.53 -0.69
CA LEU A 186 -8.45 -10.01 -0.79
C LEU A 186 -9.86 -10.44 -0.37
N VAL A 187 -10.44 -9.84 0.67
CA VAL A 187 -11.82 -10.15 1.15
C VAL A 187 -12.84 -9.73 0.08
N ALA A 188 -12.60 -8.61 -0.61
CA ALA A 188 -13.51 -8.06 -1.65
C ALA A 188 -13.55 -9.01 -2.86
N GLU A 189 -12.43 -9.66 -3.19
CA GLU A 189 -12.19 -10.34 -4.50
C GLU A 189 -12.51 -11.84 -4.43
N GLU A 190 -12.63 -12.42 -3.22
CA GLU A 190 -12.85 -13.87 -3.02
C GLU A 190 -13.64 -14.14 -1.73
N HIS A 191 -14.27 -15.31 -1.65
CA HIS A 191 -14.93 -15.85 -0.42
C HIS A 191 -13.83 -16.42 0.48
N LEU A 192 -13.50 -15.70 1.55
CA LEU A 192 -12.39 -16.07 2.46
C LEU A 192 -12.45 -15.18 3.71
N THR A 193 -12.01 -15.74 4.83
CA THR A 193 -12.07 -15.08 6.14
C THR A 193 -10.65 -14.69 6.55
N VAL A 194 -10.48 -13.48 7.05
CA VAL A 194 -9.19 -13.08 7.67
C VAL A 194 -9.25 -13.49 9.13
N ASP A 195 -8.16 -13.98 9.67
CA ASP A 195 -8.03 -14.31 11.11
C ASP A 195 -8.07 -13.03 11.94
N ALA A 196 -8.66 -13.11 13.14
CA ALA A 196 -8.84 -11.96 14.05
C ALA A 196 -7.49 -11.41 14.54
N ARG A 197 -6.47 -12.27 14.67
CA ARG A 197 -5.11 -11.81 15.07
C ARG A 197 -4.48 -11.06 13.89
N VAL A 198 -4.57 -11.57 12.68
CA VAL A 198 -4.08 -10.89 11.47
C VAL A 198 -4.74 -9.52 11.38
N TYR A 199 -6.04 -9.46 11.62
CA TYR A 199 -6.82 -8.23 11.38
C TYR A 199 -6.47 -7.22 12.47
N SER A 200 -6.29 -7.68 13.71
CA SER A 200 -5.92 -6.79 14.84
C SER A 200 -4.55 -6.19 14.57
N TYR A 201 -3.62 -6.99 14.07
CA TYR A 201 -2.25 -6.55 13.70
C TYR A 201 -2.33 -5.51 12.56
N ALA A 202 -3.00 -5.79 11.45
CA ALA A 202 -3.25 -4.82 10.36
C ALA A 202 -3.91 -3.52 10.89
N LEU A 203 -4.91 -3.61 11.76
CA LEU A 203 -5.54 -2.39 12.34
C LEU A 203 -4.50 -1.54 13.10
N ALA A 204 -3.70 -2.16 13.97
CA ALA A 204 -2.70 -1.42 14.78
C ALA A 204 -1.64 -0.80 13.83
N LEU A 205 -1.25 -1.45 12.73
CA LEU A 205 -0.31 -0.82 11.78
C LEU A 205 -0.93 0.49 11.28
N LYS A 206 -2.19 0.48 10.89
CA LYS A 206 -2.93 1.70 10.51
C LYS A 206 -2.98 2.69 11.68
N HIS A 207 -3.38 2.25 12.88
CA HIS A 207 -3.65 3.17 14.01
C HIS A 207 -2.33 3.82 14.45
N ALA A 208 -1.17 3.17 14.23
CA ALA A 208 0.10 3.73 14.70
C ALA A 208 0.42 4.99 13.90
N LYS B 15 -11.59 -25.82 -4.44
CA LYS B 15 -11.02 -27.21 -4.61
C LYS B 15 -11.30 -28.06 -3.36
N GLN B 16 -11.46 -27.45 -2.18
CA GLN B 16 -11.82 -28.17 -0.93
C GLN B 16 -13.20 -27.69 -0.45
N TYR B 17 -13.96 -28.56 0.19
CA TYR B 17 -15.34 -28.23 0.64
C TYR B 17 -15.81 -29.25 1.66
N ILE B 18 -16.88 -28.91 2.35
CA ILE B 18 -17.57 -29.75 3.36
C ILE B 18 -18.46 -30.75 2.61
N ILE B 19 -18.34 -32.03 2.95
CA ILE B 19 -19.27 -33.08 2.44
C ILE B 19 -20.42 -33.23 3.44
N SER B 20 -20.12 -33.39 4.73
CA SER B 20 -21.13 -33.59 5.81
C SER B 20 -20.59 -33.16 7.17
N GLU B 21 -21.52 -32.92 8.10
CA GLU B 21 -21.19 -32.54 9.49
C GLU B 21 -21.99 -33.47 10.39
N GLU B 22 -21.33 -34.15 11.30
CA GLU B 22 -21.99 -35.07 12.24
C GLU B 22 -21.98 -34.44 13.62
N LEU B 23 -23.14 -34.19 14.19
CA LEU B 23 -23.25 -33.74 15.60
C LEU B 23 -22.70 -34.79 16.57
N ILE B 24 -21.72 -34.46 17.40
CA ILE B 24 -21.12 -35.39 18.41
C ILE B 24 -21.74 -35.11 19.78
N SER B 25 -21.91 -33.84 20.13
CA SER B 25 -22.39 -33.44 21.48
C SER B 25 -22.85 -31.99 21.40
N GLU B 26 -24.06 -31.71 21.86
CA GLU B 26 -24.67 -30.37 21.79
C GLU B 26 -24.97 -29.98 23.22
N GLY B 27 -24.31 -28.96 23.72
CA GLY B 27 -24.67 -28.32 24.99
C GLY B 27 -25.60 -27.15 24.74
N LYS B 28 -25.78 -26.32 25.76
CA LYS B 28 -26.63 -25.11 25.73
C LYS B 28 -25.96 -24.05 24.83
N TRP B 29 -24.64 -23.88 24.94
CA TRP B 29 -23.89 -22.76 24.35
C TRP B 29 -22.94 -23.24 23.22
N VAL B 30 -22.47 -24.48 23.30
CA VAL B 30 -21.39 -24.99 22.41
C VAL B 30 -21.73 -26.41 21.97
N LYS B 31 -21.34 -26.78 20.76
CA LYS B 31 -21.44 -28.17 20.27
C LYS B 31 -20.13 -28.58 19.59
N LEU B 32 -19.89 -29.89 19.63
CA LEU B 32 -18.73 -30.58 19.07
C LEU B 32 -19.24 -31.39 17.86
N GLU B 33 -18.68 -31.13 16.69
CA GLU B 33 -19.08 -31.76 15.40
C GLU B 33 -17.89 -32.50 14.81
N LYS B 34 -18.14 -33.53 14.03
CA LYS B 34 -17.13 -34.13 13.13
C LYS B 34 -17.46 -33.69 11.72
N THR B 35 -16.52 -32.99 11.08
CA THR B 35 -16.68 -32.50 9.70
C THR B 35 -16.02 -33.48 8.76
N THR B 36 -16.76 -33.94 7.75
CA THR B 36 -16.16 -34.65 6.57
C THR B 36 -15.93 -33.65 5.45
N TYR B 37 -14.70 -33.63 4.91
CA TYR B 37 -14.34 -32.67 3.83
C TYR B 37 -13.44 -33.38 2.80
N MET B 38 -13.53 -32.86 1.59
CA MET B 38 -12.72 -33.31 0.43
C MET B 38 -11.37 -32.58 0.50
N ASP B 39 -10.29 -33.31 0.69
CA ASP B 39 -8.93 -32.73 0.65
C ASP B 39 -8.63 -32.50 -0.83
N PRO B 40 -7.62 -31.69 -1.18
CA PRO B 40 -7.45 -31.24 -2.56
C PRO B 40 -7.00 -32.37 -3.51
N THR B 41 -6.49 -33.49 -2.98
CA THR B 41 -6.15 -34.72 -3.77
C THR B 41 -7.41 -35.43 -4.27
N GLY B 42 -8.59 -35.17 -3.69
CA GLY B 42 -9.81 -35.97 -3.92
C GLY B 42 -9.99 -37.03 -2.83
N LYS B 43 -9.15 -36.98 -1.78
CA LYS B 43 -9.24 -37.88 -0.59
C LYS B 43 -10.18 -37.26 0.46
N THR B 44 -11.09 -38.07 1.00
CA THR B 44 -12.09 -37.71 2.03
C THR B 44 -11.40 -37.76 3.40
N ARG B 45 -11.65 -36.78 4.28
CA ARG B 45 -10.92 -36.61 5.57
C ARG B 45 -11.90 -36.05 6.58
N THR B 46 -11.62 -36.23 7.87
CA THR B 46 -12.52 -35.81 8.96
C THR B 46 -11.76 -34.82 9.84
N TRP B 47 -12.53 -33.92 10.45
CA TRP B 47 -12.01 -32.84 11.32
C TRP B 47 -12.95 -32.70 12.52
N GLU B 48 -12.40 -32.62 13.72
CA GLU B 48 -13.21 -32.31 14.91
C GLU B 48 -13.31 -30.78 15.00
N SER B 49 -14.54 -30.25 14.99
CA SER B 49 -14.87 -28.81 14.96
C SER B 49 -15.81 -28.46 16.12
N VAL B 50 -15.67 -27.25 16.61
CA VAL B 50 -16.53 -26.67 17.69
C VAL B 50 -17.36 -25.58 17.06
N LYS B 51 -18.63 -25.49 17.41
CA LYS B 51 -19.51 -24.35 17.04
C LYS B 51 -20.30 -23.88 18.26
N ARG B 52 -20.65 -22.60 18.25
CA ARG B 52 -21.65 -22.08 19.17
C ARG B 52 -23.03 -22.51 18.66
N THR B 53 -23.94 -22.67 19.60
CA THR B 53 -25.39 -22.93 19.35
C THR B 53 -26.22 -21.64 19.21
N THR B 54 -25.59 -20.48 19.36
CA THR B 54 -26.26 -19.17 19.57
C THR B 54 -26.21 -18.31 18.30
N ARG B 55 -25.51 -18.74 17.25
CA ARG B 55 -25.49 -17.98 15.97
C ARG B 55 -26.84 -18.15 15.29
N LYS B 56 -27.40 -17.06 14.74
CA LYS B 56 -28.73 -17.06 14.07
C LYS B 56 -28.58 -16.43 12.69
N GLU B 57 -29.03 -15.18 12.50
CA GLU B 57 -28.94 -14.43 11.22
C GLU B 57 -27.81 -13.39 11.31
N GLN B 58 -27.00 -13.46 12.38
CA GLN B 58 -25.94 -12.46 12.68
C GLN B 58 -24.80 -12.59 11.67
N THR B 59 -24.02 -11.52 11.51
CA THR B 59 -22.82 -11.45 10.63
C THR B 59 -21.69 -12.32 11.18
N ALA B 60 -21.75 -12.65 12.46
CA ALA B 60 -20.64 -13.16 13.29
C ALA B 60 -21.22 -13.54 14.66
N ASP B 61 -20.50 -14.32 15.44
CA ASP B 61 -21.00 -14.69 16.78
C ASP B 61 -20.99 -13.47 17.70
N GLY B 62 -19.92 -12.68 17.66
CA GLY B 62 -19.64 -11.64 18.66
C GLY B 62 -19.01 -10.41 18.02
N VAL B 63 -18.75 -9.44 18.88
CA VAL B 63 -17.94 -8.24 18.58
C VAL B 63 -16.84 -8.18 19.65
N ALA B 64 -15.70 -7.63 19.27
CA ALA B 64 -14.65 -7.13 20.16
C ALA B 64 -14.45 -5.66 19.82
N VAL B 65 -14.34 -4.85 20.85
CA VAL B 65 -14.22 -3.39 20.68
C VAL B 65 -12.77 -3.00 20.98
N ILE B 66 -12.12 -2.29 20.08
CA ILE B 66 -10.84 -1.59 20.36
C ILE B 66 -11.22 -0.18 20.82
N PRO B 67 -11.26 0.10 22.14
CA PRO B 67 -11.73 1.39 22.64
C PRO B 67 -10.54 2.32 22.94
N VAL B 68 -10.42 3.36 22.14
CA VAL B 68 -9.32 4.37 22.19
C VAL B 68 -9.84 5.54 23.02
N LEU B 69 -9.43 5.58 24.28
CA LEU B 69 -9.79 6.62 25.28
C LEU B 69 -8.93 7.86 25.04
N GLN B 70 -9.55 8.91 24.52
CA GLN B 70 -8.88 10.18 24.12
C GLN B 70 -9.22 11.25 25.16
N ARG B 71 -8.25 11.63 25.98
CA ARG B 71 -8.35 12.77 26.91
C ARG B 71 -7.24 13.76 26.57
N THR B 72 -7.59 15.03 26.43
CA THR B 72 -6.57 16.08 26.14
C THR B 72 -5.52 16.12 27.28
N LEU B 73 -4.26 16.41 26.93
CA LEU B 73 -3.09 16.49 27.87
C LEU B 73 -2.84 15.14 28.53
N HIS B 74 -3.39 14.05 28.02
CA HIS B 74 -3.10 12.68 28.48
C HIS B 74 -2.63 11.83 27.30
N TYR B 75 -1.93 10.75 27.57
CA TYR B 75 -1.65 9.72 26.54
C TYR B 75 -2.97 9.10 26.11
N GLU B 76 -3.14 8.88 24.80
CA GLU B 76 -4.20 8.00 24.27
C GLU B 76 -4.06 6.63 24.94
N CYS B 77 -5.15 6.12 25.51
CA CYS B 77 -5.25 4.78 26.17
C CYS B 77 -6.17 3.82 25.38
N ILE B 78 -5.82 2.54 25.45
CA ILE B 78 -6.69 1.44 24.96
C ILE B 78 -7.38 0.92 26.20
N VAL B 79 -8.68 0.80 26.14
CA VAL B 79 -9.46 0.34 27.32
C VAL B 79 -9.60 -1.18 27.21
N LEU B 80 -9.22 -1.90 28.24
CA LEU B 80 -9.28 -3.38 28.28
C LEU B 80 -10.05 -3.79 29.53
N VAL B 81 -10.47 -5.04 29.55
CA VAL B 81 -11.23 -5.62 30.67
C VAL B 81 -10.49 -6.86 31.14
N LYS B 82 -10.54 -7.09 32.44
CA LYS B 82 -10.03 -8.30 33.12
C LYS B 82 -11.25 -9.00 33.71
N GLN B 83 -11.38 -10.29 33.46
CA GLN B 83 -12.52 -11.14 33.92
C GLN B 83 -11.97 -12.52 34.21
N PHE B 84 -12.59 -13.25 35.11
CA PHE B 84 -12.34 -14.69 35.32
C PHE B 84 -12.92 -15.39 34.09
N ARG B 85 -12.14 -16.26 33.45
CA ARG B 85 -12.66 -17.05 32.30
C ARG B 85 -12.62 -18.51 32.67
N PRO B 86 -13.80 -19.13 32.88
CA PRO B 86 -13.86 -20.51 33.35
C PRO B 86 -13.13 -21.49 32.44
N PRO B 87 -13.15 -21.36 31.11
CA PRO B 87 -12.39 -22.30 30.29
C PRO B 87 -10.90 -22.16 30.55
N MET B 88 -10.42 -20.94 30.85
CA MET B 88 -8.99 -20.67 31.12
C MET B 88 -8.61 -21.08 32.54
N GLY B 89 -9.57 -21.13 33.46
CA GLY B 89 -9.30 -21.38 34.89
C GLY B 89 -8.54 -20.24 35.52
N GLY B 90 -8.64 -19.03 34.96
CA GLY B 90 -7.81 -17.89 35.37
C GLY B 90 -8.36 -16.57 34.88
N TYR B 91 -7.71 -15.48 35.24
CA TYR B 91 -8.13 -14.13 34.81
C TYR B 91 -7.47 -13.83 33.47
N CYS B 92 -8.20 -13.17 32.57
CA CYS B 92 -7.74 -12.77 31.21
C CYS B 92 -7.96 -11.27 31.04
N ILE B 93 -7.04 -10.65 30.35
CA ILE B 93 -7.13 -9.24 29.88
C ILE B 93 -7.54 -9.29 28.41
N GLU B 94 -8.61 -8.59 28.05
CA GLU B 94 -9.28 -8.72 26.74
C GLU B 94 -9.78 -7.38 26.27
N PHE B 95 -9.97 -7.22 24.95
CA PHE B 95 -10.82 -6.12 24.45
C PHE B 95 -12.22 -6.33 25.01
N PRO B 96 -12.97 -5.28 25.37
CA PRO B 96 -14.38 -5.48 25.75
C PRO B 96 -15.06 -6.18 24.57
N ALA B 97 -16.00 -7.08 24.86
CA ALA B 97 -16.57 -8.02 23.88
C ALA B 97 -17.80 -8.74 24.42
N GLY B 98 -18.69 -9.05 23.49
CA GLY B 98 -19.80 -9.96 23.76
C GLY B 98 -20.44 -10.46 22.48
N LEU B 99 -21.36 -11.41 22.63
CA LEU B 99 -22.15 -11.98 21.51
C LEU B 99 -23.12 -10.88 21.04
N ILE B 100 -23.39 -10.88 19.74
CA ILE B 100 -24.35 -9.96 19.09
C ILE B 100 -25.78 -10.49 19.37
N ASP B 101 -26.65 -9.67 19.96
CA ASP B 101 -28.08 -10.06 20.18
C ASP B 101 -28.73 -10.33 18.81
N ASP B 102 -29.70 -11.25 18.72
CA ASP B 102 -30.42 -11.55 17.45
C ASP B 102 -31.03 -10.25 16.93
N GLY B 103 -30.74 -9.85 15.69
CA GLY B 103 -31.27 -8.61 15.07
C GLY B 103 -30.49 -7.37 15.46
N GLU B 104 -29.54 -7.48 16.40
CA GLU B 104 -28.62 -6.36 16.76
C GLU B 104 -27.54 -6.27 15.67
N THR B 105 -27.12 -5.06 15.33
CA THR B 105 -26.05 -4.78 14.35
C THR B 105 -24.69 -4.87 15.07
N PRO B 106 -23.58 -5.18 14.35
CA PRO B 106 -22.26 -5.22 14.99
C PRO B 106 -21.88 -3.90 15.68
N GLU B 107 -22.10 -2.78 15.00
CA GLU B 107 -21.87 -1.43 15.58
C GLU B 107 -22.61 -1.26 16.90
N ALA B 108 -23.87 -1.66 16.94
CA ALA B 108 -24.77 -1.43 18.09
C ALA B 108 -24.33 -2.35 19.22
N ALA B 109 -23.98 -3.61 18.90
CA ALA B 109 -23.43 -4.59 19.86
C ALA B 109 -22.15 -4.03 20.48
N ALA B 110 -21.34 -3.30 19.71
CA ALA B 110 -20.02 -2.75 20.11
C ALA B 110 -20.23 -1.68 21.18
N LEU B 111 -21.14 -0.73 20.91
CA LEU B 111 -21.41 0.39 21.84
C LEU B 111 -22.09 -0.15 23.08
N ARG B 112 -23.02 -1.09 22.91
CA ARG B 112 -23.71 -1.71 24.06
C ARG B 112 -22.66 -2.44 24.91
N GLU B 113 -21.90 -3.36 24.33
CA GLU B 113 -20.92 -4.17 25.12
C GLU B 113 -19.92 -3.24 25.79
N LEU B 114 -19.45 -2.21 25.09
CA LEU B 114 -18.45 -1.28 25.67
C LEU B 114 -19.04 -0.57 26.90
N GLU B 115 -20.29 -0.13 26.79
CA GLU B 115 -20.95 0.58 27.93
C GLU B 115 -21.18 -0.36 29.10
N GLU B 116 -21.72 -1.56 28.85
CA GLU B 116 -21.99 -2.56 29.90
C GLU B 116 -20.66 -2.93 30.59
N GLU B 117 -19.59 -3.12 29.81
CA GLU B 117 -18.35 -3.71 30.37
C GLU B 117 -17.48 -2.63 31.04
N THR B 118 -17.52 -1.39 30.55
CA THR B 118 -16.57 -0.32 30.96
C THR B 118 -17.31 0.94 31.49
N GLY B 119 -18.62 1.04 31.30
CA GLY B 119 -19.34 2.29 31.56
C GLY B 119 -19.04 3.38 30.54
N TYR B 120 -18.07 3.23 29.61
CA TYR B 120 -17.78 4.31 28.64
C TYR B 120 -18.79 4.31 27.49
N LYS B 121 -19.09 5.53 27.02
CA LYS B 121 -19.97 5.82 25.87
C LYS B 121 -19.08 6.36 24.77
N GLY B 122 -19.11 5.70 23.62
CA GLY B 122 -18.09 5.84 22.58
C GLY B 122 -18.70 6.07 21.22
N ASP B 123 -17.85 6.39 20.25
CA ASP B 123 -18.21 6.67 18.85
C ASP B 123 -17.55 5.63 17.94
N ILE B 124 -18.29 5.09 16.99
CA ILE B 124 -17.81 4.10 15.99
C ILE B 124 -16.80 4.79 15.08
N ALA B 125 -15.58 4.25 14.96
CA ALA B 125 -14.56 4.76 14.02
C ALA B 125 -14.59 3.89 12.76
N GLU B 126 -14.51 2.58 12.92
CA GLU B 126 -14.59 1.61 11.80
C GLU B 126 -15.03 0.25 12.34
N CYS B 127 -15.43 -0.65 11.43
CA CYS B 127 -15.95 -1.99 11.75
C CYS B 127 -15.34 -3.00 10.77
N SER B 128 -14.73 -4.09 11.25
CA SER B 128 -14.14 -5.13 10.36
C SER B 128 -15.25 -5.97 9.73
N PRO B 129 -14.98 -6.69 8.64
CA PRO B 129 -15.80 -7.85 8.32
C PRO B 129 -15.66 -8.94 9.39
N ALA B 130 -16.46 -10.00 9.28
CA ALA B 130 -16.37 -11.14 10.21
C ALA B 130 -14.97 -11.73 10.09
N VAL B 131 -14.28 -11.91 11.20
CA VAL B 131 -12.90 -12.47 11.24
C VAL B 131 -12.91 -13.67 12.17
N CYS B 132 -12.13 -14.70 11.88
CA CYS B 132 -12.23 -15.97 12.63
C CYS B 132 -11.38 -15.91 13.89
N MET B 133 -11.89 -16.51 14.96
CA MET B 133 -11.24 -16.53 16.28
C MET B 133 -10.19 -17.65 16.40
N ASP B 134 -10.47 -18.86 15.91
CA ASP B 134 -9.54 -20.01 16.05
C ASP B 134 -9.94 -21.03 14.99
N PRO B 135 -9.60 -20.79 13.72
CA PRO B 135 -10.31 -21.48 12.62
C PRO B 135 -9.98 -22.99 12.48
N GLY B 136 -8.86 -23.42 13.08
CA GLY B 136 -8.49 -24.83 13.24
C GLY B 136 -9.38 -25.53 14.25
N LEU B 137 -10.02 -24.76 15.13
CA LEU B 137 -10.77 -25.34 16.27
C LEU B 137 -12.27 -25.15 16.04
N SER B 138 -12.70 -23.94 15.67
CA SER B 138 -14.12 -23.50 15.71
C SER B 138 -14.47 -22.71 14.48
N ASN B 139 -15.75 -22.48 14.28
CA ASN B 139 -16.25 -21.57 13.22
C ASN B 139 -16.49 -20.19 13.83
N CYS B 140 -16.08 -19.94 15.09
CA CYS B 140 -16.41 -18.68 15.79
C CYS B 140 -15.80 -17.48 15.05
N THR B 141 -16.63 -16.46 14.84
CA THR B 141 -16.18 -15.19 14.23
C THR B 141 -16.65 -14.00 15.07
N ILE B 142 -15.97 -12.88 14.87
CA ILE B 142 -16.33 -11.57 15.48
C ILE B 142 -16.21 -10.50 14.43
N HIS B 143 -16.84 -9.34 14.71
CA HIS B 143 -16.45 -8.06 14.08
C HIS B 143 -15.56 -7.33 15.09
N ILE B 144 -14.38 -6.89 14.67
CA ILE B 144 -13.55 -5.98 15.50
C ILE B 144 -14.02 -4.56 15.18
N VAL B 145 -14.39 -3.82 16.21
CA VAL B 145 -15.02 -2.49 16.07
C VAL B 145 -14.16 -1.49 16.82
N THR B 146 -13.49 -0.62 16.05
CA THR B 146 -12.66 0.48 16.55
C THR B 146 -13.65 1.58 16.94
N VAL B 147 -13.62 1.92 18.22
CA VAL B 147 -14.48 2.96 18.85
C VAL B 147 -13.55 3.99 19.46
N THR B 148 -13.79 5.28 19.26
CA THR B 148 -13.11 6.36 20.04
C THR B 148 -14.01 6.71 21.22
N ILE B 149 -13.43 7.07 22.37
CA ILE B 149 -14.15 7.54 23.57
C ILE B 149 -13.62 8.95 23.92
N ASN B 150 -14.49 9.94 23.88
CA ASN B 150 -14.12 11.31 24.31
C ASN B 150 -14.11 11.32 25.83
N GLY B 151 -12.95 11.12 26.42
CA GLY B 151 -12.79 11.05 27.88
C GLY B 151 -13.06 12.39 28.54
N ASP B 152 -13.22 13.47 27.78
CA ASP B 152 -13.39 14.85 28.35
C ASP B 152 -14.88 15.22 28.43
N ASP B 153 -15.73 14.43 27.75
CA ASP B 153 -17.20 14.61 27.72
C ASP B 153 -17.75 14.20 29.07
N ALA B 154 -18.81 14.86 29.55
CA ALA B 154 -19.41 14.61 30.88
C ALA B 154 -19.86 13.16 31.03
N GLU B 155 -20.37 12.54 29.96
CA GLU B 155 -21.00 11.20 30.07
C GLU B 155 -19.91 10.16 30.40
N ASN B 156 -18.63 10.48 30.15
CA ASN B 156 -17.47 9.56 30.39
C ASN B 156 -16.65 10.06 31.59
N ALA B 157 -17.21 10.97 32.42
CA ALA B 157 -16.52 11.50 33.62
C ALA B 157 -16.33 10.36 34.63
N ARG B 158 -17.43 9.82 35.15
CA ARG B 158 -17.45 8.72 36.16
C ARG B 158 -18.25 7.56 35.54
N PRO B 159 -17.65 6.81 34.58
CA PRO B 159 -18.43 5.88 33.74
C PRO B 159 -19.07 4.74 34.56
N LYS B 160 -20.32 4.39 34.27
CA LYS B 160 -21.12 3.36 35.02
C LYS B 160 -21.09 2.01 34.28
N PRO B 161 -20.15 1.08 34.61
CA PRO B 161 -20.22 -0.29 34.11
C PRO B 161 -21.49 -1.02 34.57
N LYS B 162 -22.36 -1.42 33.61
CA LYS B 162 -23.64 -2.13 33.85
C LYS B 162 -23.46 -3.62 33.53
N PRO B 163 -22.93 -4.43 34.47
CA PRO B 163 -22.74 -5.86 34.23
C PRO B 163 -24.06 -6.64 34.14
N GLY B 164 -24.23 -7.47 33.10
CA GLY B 164 -25.30 -8.49 33.04
C GLY B 164 -25.18 -9.47 34.21
N ASP B 165 -26.22 -10.27 34.47
CA ASP B 165 -26.18 -11.36 35.47
C ASP B 165 -24.96 -12.24 35.17
N GLY B 166 -24.08 -12.45 36.16
CA GLY B 166 -22.93 -13.37 36.06
C GLY B 166 -21.72 -12.78 35.33
N GLU B 167 -21.75 -11.50 34.97
CA GLU B 167 -20.55 -10.74 34.50
C GLU B 167 -19.90 -10.06 35.73
N PHE B 168 -18.56 -10.05 35.79
CA PHE B 168 -17.79 -9.33 36.84
C PHE B 168 -16.45 -8.87 36.25
N VAL B 169 -16.43 -7.62 35.79
CA VAL B 169 -15.42 -7.08 34.85
C VAL B 169 -14.67 -5.93 35.52
N GLU B 170 -13.33 -5.99 35.53
CA GLU B 170 -12.44 -4.89 35.95
C GLU B 170 -11.97 -4.19 34.67
N VAL B 171 -11.95 -2.86 34.69
CA VAL B 171 -11.50 -2.03 33.53
C VAL B 171 -10.02 -1.72 33.74
N ILE B 172 -9.21 -1.88 32.71
CA ILE B 172 -7.76 -1.54 32.77
C ILE B 172 -7.48 -0.75 31.50
N SER B 173 -7.19 0.54 31.67
CA SER B 173 -6.79 1.45 30.57
C SER B 173 -5.28 1.58 30.54
N LEU B 174 -4.66 1.26 29.41
CA LEU B 174 -3.19 1.27 29.27
C LEU B 174 -2.84 2.21 28.14
N PRO B 175 -1.73 2.98 28.24
CA PRO B 175 -1.34 3.90 27.19
C PRO B 175 -1.05 3.16 25.88
N LYS B 176 -1.61 3.63 24.78
CA LYS B 176 -1.44 3.05 23.43
C LYS B 176 0.06 3.00 23.03
N ASN B 177 0.81 4.06 23.31
CA ASN B 177 2.21 4.23 22.85
C ASN B 177 3.17 3.31 23.65
N ASP B 178 2.70 2.68 24.73
CA ASP B 178 3.53 1.72 25.52
C ASP B 178 2.83 0.36 25.68
N LEU B 179 1.82 0.03 24.86
CA LEU B 179 0.84 -1.03 25.20
C LEU B 179 1.56 -2.35 25.45
N LEU B 180 2.38 -2.80 24.50
CA LEU B 180 3.03 -4.14 24.61
C LEU B 180 3.84 -4.31 25.91
N GLN B 181 4.61 -3.29 26.29
CA GLN B 181 5.44 -3.29 27.53
C GLN B 181 4.51 -3.31 28.75
N ARG B 182 3.41 -2.55 28.71
CA ARG B 182 2.44 -2.52 29.83
C ARG B 182 1.80 -3.89 30.01
N LEU B 183 1.49 -4.60 28.91
CA LEU B 183 0.84 -5.93 28.96
C LEU B 183 1.84 -6.95 29.51
N ASP B 184 3.07 -6.93 29.01
CA ASP B 184 4.18 -7.80 29.51
C ASP B 184 4.35 -7.58 31.03
N ALA B 185 4.27 -6.35 31.51
CA ALA B 185 4.42 -6.06 32.95
C ALA B 185 3.31 -6.77 33.72
N LEU B 186 2.06 -6.61 33.27
CA LEU B 186 0.88 -7.24 33.92
C LEU B 186 1.04 -8.76 33.96
N VAL B 187 1.43 -9.39 32.85
CA VAL B 187 1.62 -10.87 32.81
C VAL B 187 2.65 -11.29 33.86
N ALA B 188 3.80 -10.62 33.88
CA ALA B 188 4.95 -10.90 34.77
C ALA B 188 4.52 -10.80 36.23
N GLU B 189 3.69 -9.83 36.57
CA GLU B 189 3.42 -9.46 37.98
C GLU B 189 2.10 -10.08 38.47
N GLU B 190 1.05 -10.07 37.64
CA GLU B 190 -0.35 -10.35 38.06
C GLU B 190 -0.76 -11.80 37.72
N HIS B 191 0.07 -12.55 36.98
CA HIS B 191 -0.23 -13.93 36.50
C HIS B 191 -1.57 -13.98 35.73
N LEU B 192 -1.83 -12.95 34.90
CA LEU B 192 -2.97 -12.88 33.96
C LEU B 192 -2.58 -13.52 32.61
N THR B 193 -3.58 -13.90 31.82
CA THR B 193 -3.37 -14.29 30.40
C THR B 193 -3.86 -13.14 29.54
N VAL B 194 -3.02 -12.66 28.65
CA VAL B 194 -3.43 -11.63 27.66
C VAL B 194 -4.06 -12.34 26.47
N ASP B 195 -5.13 -11.76 25.97
CA ASP B 195 -5.83 -12.23 24.76
C ASP B 195 -4.94 -12.08 23.55
N ALA B 196 -5.01 -13.02 22.61
CA ALA B 196 -4.15 -13.10 21.41
C ALA B 196 -4.39 -11.88 20.52
N ARG B 197 -5.64 -11.40 20.42
CA ARG B 197 -5.93 -10.24 19.56
C ARG B 197 -5.36 -8.98 20.21
N VAL B 198 -5.49 -8.82 21.52
CA VAL B 198 -4.89 -7.67 22.26
C VAL B 198 -3.37 -7.70 22.05
N TYR B 199 -2.76 -8.87 22.23
CA TYR B 199 -1.32 -9.00 22.10
C TYR B 199 -0.90 -8.67 20.66
N SER B 200 -1.67 -9.12 19.66
CA SER B 200 -1.35 -8.91 18.24
C SER B 200 -1.39 -7.42 17.91
N TYR B 201 -2.39 -6.72 18.44
CA TYR B 201 -2.55 -5.26 18.24
C TYR B 201 -1.32 -4.58 18.87
N ALA B 202 -0.95 -4.97 20.08
CA ALA B 202 0.14 -4.33 20.85
C ALA B 202 1.46 -4.53 20.09
N LEU B 203 1.72 -5.71 19.51
CA LEU B 203 2.93 -6.00 18.70
C LEU B 203 3.00 -5.04 17.51
N ALA B 204 1.93 -4.96 16.73
CA ALA B 204 1.89 -4.11 15.52
C ALA B 204 2.13 -2.65 15.87
N LEU B 205 1.67 -2.17 17.03
CA LEU B 205 1.96 -0.77 17.44
C LEU B 205 3.46 -0.59 17.52
N LYS B 206 4.20 -1.58 18.06
CA LYS B 206 5.69 -1.57 18.13
C LYS B 206 6.29 -1.75 16.74
N HIS B 207 5.76 -2.71 15.97
CA HIS B 207 6.34 -3.06 14.65
C HIS B 207 6.07 -1.95 13.60
N ALA B 208 5.10 -1.05 13.81
CA ALA B 208 4.79 0.03 12.83
C ALA B 208 6.06 0.87 12.54
N ASN B 209 6.91 1.05 13.55
CA ASN B 209 8.24 1.70 13.46
C ASN B 209 9.10 0.98 12.39
N GLN C 16 23.59 1.08 -4.77
CA GLN C 16 23.98 2.52 -4.84
C GLN C 16 23.19 3.29 -3.78
N TYR C 17 23.77 4.36 -3.23
CA TYR C 17 23.11 5.23 -2.22
C TYR C 17 23.80 6.61 -2.23
N ILE C 18 23.11 7.62 -1.69
CA ILE C 18 23.62 9.00 -1.49
C ILE C 18 24.64 8.97 -0.35
N ILE C 19 25.78 9.64 -0.54
CA ILE C 19 26.82 9.85 0.51
C ILE C 19 26.58 11.24 1.10
N SER C 20 26.37 12.25 0.27
CA SER C 20 26.14 13.64 0.74
C SER C 20 25.52 14.48 -0.37
N GLU C 21 24.82 15.53 0.05
CA GLU C 21 24.19 16.55 -0.81
C GLU C 21 24.74 17.89 -0.35
N GLU C 22 25.58 18.50 -1.19
CA GLU C 22 26.23 19.81 -0.95
C GLU C 22 25.47 20.85 -1.77
N LEU C 23 25.13 21.96 -1.13
CA LEU C 23 24.34 23.07 -1.69
C LEU C 23 25.24 24.00 -2.53
N ILE C 24 24.96 24.14 -3.84
CA ILE C 24 25.72 25.00 -4.81
C ILE C 24 25.12 26.42 -4.92
N SER C 25 23.79 26.54 -4.86
CA SER C 25 23.06 27.83 -4.94
C SER C 25 21.57 27.65 -4.62
N GLU C 26 21.01 28.56 -3.80
CA GLU C 26 19.61 28.49 -3.34
C GLU C 26 18.88 29.78 -3.73
N GLY C 27 17.87 29.66 -4.59
CA GLY C 27 16.86 30.69 -4.83
C GLY C 27 15.72 30.54 -3.84
N LYS C 28 14.61 31.26 -4.09
CA LYS C 28 13.33 31.19 -3.34
C LYS C 28 12.47 29.98 -3.79
N TRP C 29 12.64 29.55 -5.04
CA TRP C 29 11.79 28.53 -5.70
C TRP C 29 12.58 27.25 -6.02
N VAL C 30 13.86 27.38 -6.36
CA VAL C 30 14.70 26.26 -6.90
C VAL C 30 16.10 26.31 -6.27
N LYS C 31 16.70 25.15 -6.05
CA LYS C 31 18.07 25.02 -5.46
C LYS C 31 18.90 24.12 -6.38
N LEU C 32 20.20 24.41 -6.45
CA LEU C 32 21.21 23.58 -7.16
C LEU C 32 22.06 22.87 -6.09
N GLU C 33 22.35 21.59 -6.28
CA GLU C 33 23.18 20.79 -5.34
C GLU C 33 24.25 19.98 -6.08
N LYS C 34 25.32 19.68 -5.33
CA LYS C 34 26.38 18.70 -5.69
C LYS C 34 26.02 17.40 -4.97
N THR C 35 25.83 16.31 -5.70
CA THR C 35 25.36 15.01 -5.14
C THR C 35 26.54 14.03 -5.19
N THR C 36 26.92 13.46 -4.05
CA THR C 36 28.01 12.47 -3.98
C THR C 36 27.35 11.12 -3.67
N TYR C 37 27.62 10.10 -4.49
CA TYR C 37 26.91 8.79 -4.47
C TYR C 37 27.91 7.64 -4.71
N MET C 38 27.63 6.48 -4.12
CA MET C 38 28.39 5.21 -4.34
C MET C 38 27.84 4.51 -5.59
N ASP C 39 28.70 4.28 -6.60
CA ASP C 39 28.30 3.58 -7.85
C ASP C 39 28.22 2.08 -7.55
N PRO C 40 27.80 1.26 -8.54
CA PRO C 40 27.59 -0.17 -8.30
C PRO C 40 28.87 -0.99 -8.04
N THR C 41 30.04 -0.48 -8.43
CA THR C 41 31.36 -1.18 -8.31
C THR C 41 32.05 -0.77 -7.01
N GLY C 42 31.65 0.35 -6.40
CA GLY C 42 32.23 0.85 -5.14
C GLY C 42 33.06 2.11 -5.35
N LYS C 43 33.09 2.65 -6.58
CA LYS C 43 33.65 3.99 -6.91
C LYS C 43 32.65 5.07 -6.48
N THR C 44 33.12 6.04 -5.71
CA THR C 44 32.40 7.27 -5.29
C THR C 44 32.34 8.19 -6.54
N ARG C 45 31.17 8.74 -6.88
CA ARG C 45 31.02 9.65 -8.04
C ARG C 45 30.17 10.83 -7.63
N THR C 46 29.96 11.75 -8.56
CA THR C 46 29.35 13.07 -8.29
C THR C 46 28.30 13.36 -9.38
N TRP C 47 27.34 14.19 -9.04
CA TRP C 47 26.20 14.55 -9.93
C TRP C 47 25.67 15.91 -9.52
N GLU C 48 25.37 16.75 -10.52
CA GLU C 48 24.71 18.07 -10.35
C GLU C 48 23.18 17.87 -10.38
N SER C 49 22.52 18.14 -9.26
CA SER C 49 21.08 17.86 -9.04
C SER C 49 20.32 19.14 -8.73
N VAL C 50 19.08 19.23 -9.20
CA VAL C 50 18.16 20.37 -8.95
C VAL C 50 17.06 19.88 -8.02
N LYS C 51 16.64 20.74 -7.08
CA LYS C 51 15.52 20.50 -6.16
C LYS C 51 14.73 21.80 -6.05
N ARG C 52 13.40 21.69 -5.90
CA ARG C 52 12.54 22.85 -5.53
C ARG C 52 12.70 23.07 -4.03
N THR C 53 12.42 24.28 -3.57
CA THR C 53 12.63 24.71 -2.15
C THR C 53 11.32 24.66 -1.38
N THR C 54 10.23 24.33 -2.06
CA THR C 54 8.81 24.47 -1.59
C THR C 54 8.22 23.17 -1.01
N ARG C 55 8.92 22.04 -1.15
CA ARG C 55 8.43 20.69 -0.76
C ARG C 55 8.62 20.49 0.74
N LYS C 56 7.57 20.07 1.46
CA LYS C 56 7.56 19.89 2.94
C LYS C 56 7.30 18.41 3.25
N GLU C 57 6.06 18.03 3.59
CA GLU C 57 5.64 16.63 3.88
C GLU C 57 4.85 16.08 2.69
N GLN C 58 4.49 16.93 1.71
CA GLN C 58 3.64 16.56 0.55
C GLN C 58 4.19 15.28 -0.08
N THR C 59 3.28 14.47 -0.64
CA THR C 59 3.57 13.17 -1.33
C THR C 59 4.46 13.42 -2.55
N ALA C 60 4.42 14.63 -3.10
CA ALA C 60 5.12 15.07 -4.33
C ALA C 60 5.14 16.60 -4.34
N ASP C 61 5.91 17.19 -5.25
CA ASP C 61 5.91 18.66 -5.45
C ASP C 61 4.53 19.07 -5.94
N GLY C 62 4.01 18.35 -6.94
CA GLY C 62 2.92 18.88 -7.77
C GLY C 62 1.88 17.85 -8.12
N VAL C 63 0.80 18.32 -8.75
CA VAL C 63 -0.17 17.44 -9.47
C VAL C 63 -0.23 17.90 -10.92
N ALA C 64 -0.38 16.94 -11.85
CA ALA C 64 -0.83 17.13 -13.24
C ALA C 64 -2.16 16.40 -13.35
N VAL C 65 -3.13 17.07 -13.95
CA VAL C 65 -4.53 16.60 -14.00
C VAL C 65 -4.74 16.15 -15.43
N ILE C 66 -5.14 14.91 -15.61
CA ILE C 66 -5.67 14.46 -16.92
C ILE C 66 -7.18 14.65 -16.87
N PRO C 67 -7.71 15.73 -17.50
CA PRO C 67 -9.12 16.10 -17.37
C PRO C 67 -9.86 15.64 -18.63
N VAL C 68 -10.66 14.61 -18.44
CA VAL C 68 -11.45 13.96 -19.50
C VAL C 68 -12.83 14.60 -19.47
N LEU C 69 -13.13 15.34 -20.53
CA LEU C 69 -14.43 16.02 -20.71
C LEU C 69 -15.38 15.03 -21.37
N GLN C 70 -16.37 14.61 -20.60
CA GLN C 70 -17.37 13.59 -20.96
C GLN C 70 -18.72 14.26 -21.21
N ARG C 71 -19.30 13.96 -22.36
CA ARG C 71 -20.58 14.56 -22.84
C ARG C 71 -21.39 13.46 -23.50
N THR C 72 -22.70 13.43 -23.27
CA THR C 72 -23.61 12.38 -23.78
C THR C 72 -23.41 12.22 -25.28
N LEU C 73 -23.31 13.32 -26.01
CA LEU C 73 -23.47 13.29 -27.50
C LEU C 73 -22.13 13.14 -28.20
N HIS C 74 -21.01 13.17 -27.48
CA HIS C 74 -19.67 13.39 -28.07
C HIS C 74 -18.63 12.35 -27.60
N TYR C 75 -17.59 12.20 -28.40
CA TYR C 75 -16.31 11.55 -28.00
C TYR C 75 -15.68 12.40 -26.89
N GLU C 76 -14.96 11.73 -25.98
CA GLU C 76 -14.30 12.46 -24.87
C GLU C 76 -13.28 13.44 -25.46
N CYS C 77 -13.08 14.55 -24.77
CA CYS C 77 -11.95 15.49 -24.98
C CYS C 77 -10.98 15.42 -23.81
N ILE C 78 -9.72 15.75 -24.08
CA ILE C 78 -8.73 16.04 -23.03
C ILE C 78 -8.59 17.55 -22.96
N VAL C 79 -8.73 18.08 -21.76
CA VAL C 79 -8.63 19.55 -21.50
C VAL C 79 -7.18 19.87 -21.17
N LEU C 80 -6.57 20.73 -21.97
CA LEU C 80 -5.17 21.15 -21.75
C LEU C 80 -5.17 22.67 -21.54
N VAL C 81 -4.02 23.18 -21.11
CA VAL C 81 -3.76 24.63 -20.95
C VAL C 81 -2.55 25.02 -21.78
N LYS C 82 -2.62 26.21 -22.37
CA LYS C 82 -1.50 26.90 -23.01
C LYS C 82 -1.15 28.11 -22.15
N GLN C 83 0.13 28.21 -21.77
CA GLN C 83 0.65 29.34 -20.97
C GLN C 83 2.08 29.63 -21.38
N PHE C 84 2.48 30.89 -21.20
CA PHE C 84 3.87 31.33 -21.34
C PHE C 84 4.67 30.71 -20.21
N ARG C 85 5.81 30.13 -20.54
CA ARG C 85 6.71 29.45 -19.58
C ARG C 85 8.09 30.12 -19.66
N PRO C 86 8.44 30.99 -18.67
CA PRO C 86 9.71 31.72 -18.72
C PRO C 86 10.92 30.84 -18.96
N PRO C 87 11.10 29.67 -18.30
CA PRO C 87 12.28 28.84 -18.52
C PRO C 87 12.40 28.45 -20.00
N MET C 88 11.26 28.25 -20.67
CA MET C 88 11.18 27.80 -22.08
C MET C 88 11.29 29.01 -23.03
N GLY C 89 10.96 30.22 -22.57
CA GLY C 89 10.96 31.43 -23.42
C GLY C 89 9.84 31.39 -24.44
N GLY C 90 8.73 30.75 -24.08
CA GLY C 90 7.67 30.51 -25.08
C GLY C 90 6.48 29.82 -24.47
N TYR C 91 5.48 29.54 -25.31
CA TYR C 91 4.19 28.99 -24.87
C TYR C 91 4.29 27.47 -24.89
N CYS C 92 3.65 26.83 -23.91
CA CYS C 92 3.65 25.36 -23.77
C CYS C 92 2.22 24.90 -23.64
N ILE C 93 1.93 23.74 -24.22
CA ILE C 93 0.65 23.03 -24.04
C ILE C 93 0.87 21.89 -23.03
N GLU C 94 0.10 21.93 -21.96
CA GLU C 94 0.32 21.06 -20.76
C GLU C 94 -1.02 20.57 -20.23
N PHE C 95 -1.00 19.50 -19.43
CA PHE C 95 -2.09 19.19 -18.47
C PHE C 95 -2.18 20.34 -17.48
N PRO C 96 -3.37 20.73 -17.02
CA PRO C 96 -3.50 21.64 -15.88
C PRO C 96 -2.66 21.03 -14.76
N ALA C 97 -2.00 21.89 -13.98
CA ALA C 97 -0.98 21.49 -13.00
C ALA C 97 -0.65 22.62 -12.03
N GLY C 98 -0.14 22.25 -10.87
CA GLY C 98 0.31 23.21 -9.84
C GLY C 98 0.86 22.47 -8.64
N LEU C 99 1.59 23.18 -7.78
CA LEU C 99 2.18 22.62 -6.56
C LEU C 99 1.06 22.28 -5.58
N ILE C 100 1.25 21.24 -4.79
CA ILE C 100 0.33 20.85 -3.69
C ILE C 100 0.59 21.83 -2.55
N ASP C 101 -0.40 22.62 -2.15
CA ASP C 101 -0.34 23.49 -0.94
C ASP C 101 -0.04 22.62 0.29
N ASP C 102 0.45 23.24 1.37
CA ASP C 102 0.68 22.53 2.65
C ASP C 102 -0.68 22.13 3.23
N GLY C 103 -0.83 20.89 3.70
CA GLY C 103 -2.08 20.41 4.30
C GLY C 103 -3.05 19.87 3.25
N GLU C 104 -2.71 20.00 1.96
CA GLU C 104 -3.58 19.62 0.82
C GLU C 104 -3.23 18.20 0.37
N THR C 105 -4.24 17.39 0.13
CA THR C 105 -4.15 16.09 -0.58
C THR C 105 -3.93 16.32 -2.08
N PRO C 106 -3.19 15.42 -2.78
CA PRO C 106 -3.04 15.53 -4.23
C PRO C 106 -4.41 15.66 -4.89
N GLU C 107 -5.39 14.87 -4.44
CA GLU C 107 -6.75 14.87 -5.03
C GLU C 107 -7.34 16.28 -4.91
N ALA C 108 -7.14 16.95 -3.77
CA ALA C 108 -7.76 18.26 -3.50
C ALA C 108 -7.08 19.28 -4.41
N ALA C 109 -5.75 19.19 -4.46
CA ALA C 109 -4.93 20.08 -5.30
C ALA C 109 -5.37 19.92 -6.75
N ALA C 110 -5.69 18.71 -7.17
CA ALA C 110 -6.00 18.43 -8.59
C ALA C 110 -7.32 19.16 -8.95
N LEU C 111 -8.36 19.00 -8.14
CA LEU C 111 -9.67 19.65 -8.37
C LEU C 111 -9.53 21.18 -8.25
N ARG C 112 -8.72 21.65 -7.30
CA ARG C 112 -8.46 23.11 -7.13
C ARG C 112 -7.79 23.68 -8.38
N GLU C 113 -6.66 23.09 -8.79
CA GLU C 113 -5.87 23.56 -9.95
C GLU C 113 -6.72 23.42 -11.22
N LEU C 114 -7.55 22.39 -11.30
CA LEU C 114 -8.34 22.21 -12.55
C LEU C 114 -9.36 23.36 -12.66
N GLU C 115 -10.07 23.62 -11.57
CA GLU C 115 -11.13 24.67 -11.57
C GLU C 115 -10.50 26.04 -11.87
N GLU C 116 -9.41 26.37 -11.20
CA GLU C 116 -8.69 27.67 -11.32
C GLU C 116 -8.21 27.88 -12.76
N GLU C 117 -7.67 26.82 -13.39
CA GLU C 117 -6.88 26.96 -14.62
C GLU C 117 -7.83 26.80 -15.81
N THR C 118 -8.95 26.11 -15.65
CA THR C 118 -9.87 25.84 -16.79
C THR C 118 -11.32 26.27 -16.51
N GLY C 119 -11.73 26.44 -15.25
CA GLY C 119 -13.13 26.72 -14.87
C GLY C 119 -13.97 25.47 -14.71
N TYR C 120 -13.46 24.30 -15.10
CA TYR C 120 -14.21 23.02 -15.00
C TYR C 120 -14.26 22.52 -13.57
N LYS C 121 -15.44 22.03 -13.21
CA LYS C 121 -15.67 21.28 -11.96
C LYS C 121 -15.68 19.78 -12.26
N GLY C 122 -14.73 19.06 -11.68
CA GLY C 122 -14.42 17.66 -12.01
C GLY C 122 -14.67 16.74 -10.83
N ASP C 123 -14.54 15.45 -11.09
CA ASP C 123 -14.64 14.37 -10.09
C ASP C 123 -13.37 13.53 -10.22
N ILE C 124 -12.71 13.21 -9.10
CA ILE C 124 -11.51 12.34 -9.10
C ILE C 124 -11.90 10.99 -9.71
N ALA C 125 -11.09 10.49 -10.63
CA ALA C 125 -11.24 9.09 -11.13
C ALA C 125 -10.12 8.21 -10.54
N GLU C 126 -8.87 8.69 -10.58
CA GLU C 126 -7.70 7.83 -10.24
C GLU C 126 -6.58 8.78 -9.80
N CYS C 127 -5.71 8.36 -8.90
CA CYS C 127 -4.52 9.16 -8.53
C CYS C 127 -3.27 8.28 -8.61
N SER C 128 -2.26 8.73 -9.34
CA SER C 128 -0.98 8.00 -9.50
C SER C 128 -0.23 8.01 -8.20
N PRO C 129 0.73 7.08 -8.03
CA PRO C 129 1.81 7.27 -7.05
C PRO C 129 2.67 8.46 -7.49
N ALA C 130 3.55 8.98 -6.61
CA ALA C 130 4.52 10.05 -6.96
C ALA C 130 5.44 9.54 -8.07
N VAL C 131 5.44 10.28 -9.18
CA VAL C 131 6.20 9.93 -10.42
C VAL C 131 7.13 11.10 -10.72
N CYS C 132 8.32 10.74 -11.19
CA CYS C 132 9.45 11.66 -11.38
C CYS C 132 9.31 12.40 -12.73
N MET C 133 9.65 13.68 -12.75
CA MET C 133 9.52 14.56 -13.95
C MET C 133 10.77 14.44 -14.85
N ASP C 134 11.96 14.45 -14.25
CA ASP C 134 13.23 14.47 -15.02
C ASP C 134 14.34 13.98 -14.10
N PRO C 135 14.39 12.65 -13.85
CA PRO C 135 15.15 12.12 -12.72
C PRO C 135 16.69 12.19 -12.88
N GLY C 136 17.20 12.31 -14.11
CA GLY C 136 18.61 12.67 -14.41
C GLY C 136 18.96 14.09 -13.98
N LEU C 137 17.95 14.92 -13.70
CA LEU C 137 18.16 16.37 -13.46
C LEU C 137 17.68 16.77 -12.07
N SER C 138 16.45 16.42 -11.70
CA SER C 138 15.79 16.98 -10.51
C SER C 138 15.19 15.83 -9.71
N ASN C 139 14.85 16.09 -8.47
CA ASN C 139 14.09 15.13 -7.63
C ASN C 139 12.58 15.38 -7.81
N CYS C 140 12.19 16.23 -8.76
CA CYS C 140 10.80 16.76 -8.83
C CYS C 140 9.82 15.64 -9.15
N THR C 141 8.71 15.59 -8.43
CA THR C 141 7.69 14.54 -8.60
C THR C 141 6.30 15.18 -8.61
N ILE C 142 5.38 14.45 -9.20
CA ILE C 142 3.94 14.84 -9.22
C ILE C 142 3.13 13.60 -8.93
N HIS C 143 1.86 13.79 -8.56
CA HIS C 143 0.77 12.84 -8.78
C HIS C 143 0.07 13.23 -10.10
N ILE C 144 -0.08 12.26 -10.98
CA ILE C 144 -0.97 12.34 -12.15
C ILE C 144 -2.36 11.89 -11.69
N VAL C 145 -3.27 12.85 -11.62
CA VAL C 145 -4.66 12.65 -11.17
C VAL C 145 -5.57 12.70 -12.42
N THR C 146 -6.19 11.57 -12.74
CA THR C 146 -7.25 11.50 -13.77
C THR C 146 -8.54 12.05 -13.19
N VAL C 147 -9.11 13.08 -13.82
CA VAL C 147 -10.36 13.76 -13.38
C VAL C 147 -11.36 13.71 -14.53
N THR C 148 -12.57 13.21 -14.30
CA THR C 148 -13.69 13.23 -15.29
C THR C 148 -14.45 14.55 -15.13
N ILE C 149 -14.79 15.20 -16.23
CA ILE C 149 -15.65 16.41 -16.16
C ILE C 149 -16.98 16.08 -16.84
N ASN C 150 -18.10 16.19 -16.10
CA ASN C 150 -19.45 16.10 -16.72
C ASN C 150 -19.70 17.41 -17.48
N GLY C 151 -19.51 17.34 -18.79
CA GLY C 151 -19.65 18.50 -19.70
C GLY C 151 -21.08 18.81 -20.04
N ASP C 152 -22.02 17.97 -19.60
CA ASP C 152 -23.47 18.13 -19.77
C ASP C 152 -24.12 18.75 -18.54
N ASP C 153 -23.45 18.77 -17.39
CA ASP C 153 -23.99 19.47 -16.20
C ASP C 153 -23.98 20.97 -16.52
N ALA C 154 -25.03 21.67 -16.10
CA ALA C 154 -25.18 23.13 -16.24
C ALA C 154 -23.99 23.86 -15.60
N GLU C 155 -23.50 23.39 -14.43
CA GLU C 155 -22.37 24.05 -13.71
C GLU C 155 -21.12 24.06 -14.58
N ASN C 156 -21.03 23.17 -15.58
CA ASN C 156 -19.88 23.14 -16.52
C ASN C 156 -20.22 23.80 -17.85
N ALA C 157 -21.42 24.35 -18.02
CA ALA C 157 -21.88 24.97 -19.30
C ALA C 157 -20.96 26.13 -19.71
N ARG C 158 -20.64 27.02 -18.80
CA ARG C 158 -19.88 28.26 -19.12
C ARG C 158 -18.62 28.28 -18.28
N PRO C 159 -17.64 27.36 -18.50
CA PRO C 159 -16.47 27.30 -17.63
C PRO C 159 -15.67 28.61 -17.73
N LYS C 160 -15.33 29.21 -16.59
CA LYS C 160 -14.49 30.44 -16.54
C LYS C 160 -13.32 30.19 -15.60
N PRO C 161 -12.08 30.11 -16.13
CA PRO C 161 -10.91 29.97 -15.27
C PRO C 161 -10.91 31.12 -14.27
N LYS C 162 -10.56 30.88 -13.01
CA LYS C 162 -10.25 31.92 -12.00
C LYS C 162 -8.77 31.81 -11.69
N PRO C 163 -7.87 32.33 -12.57
CA PRO C 163 -6.43 32.21 -12.35
C PRO C 163 -5.91 33.17 -11.26
N GLY C 164 -4.87 32.74 -10.54
CA GLY C 164 -4.11 33.58 -9.60
C GLY C 164 -3.42 34.70 -10.36
N ASP C 165 -3.38 35.90 -9.80
CA ASP C 165 -2.60 37.05 -10.34
C ASP C 165 -1.24 36.52 -10.82
N GLY C 166 -0.77 36.97 -11.98
CA GLY C 166 0.49 36.46 -12.56
C GLY C 166 0.31 35.19 -13.38
N GLU C 167 -0.72 34.37 -13.10
CA GLU C 167 -1.08 33.20 -13.95
C GLU C 167 -1.95 33.68 -15.13
N PHE C 168 -1.60 33.26 -16.34
CA PHE C 168 -2.29 33.63 -17.60
C PHE C 168 -2.42 32.35 -18.42
N VAL C 169 -3.63 31.85 -18.57
CA VAL C 169 -3.86 30.46 -19.05
C VAL C 169 -4.96 30.51 -20.07
N GLU C 170 -4.77 29.78 -21.17
CA GLU C 170 -5.79 29.57 -22.24
C GLU C 170 -6.11 28.09 -22.30
N VAL C 171 -7.40 27.76 -22.40
CA VAL C 171 -7.90 26.36 -22.37
C VAL C 171 -8.02 25.90 -23.83
N ILE C 172 -7.51 24.70 -24.08
CA ILE C 172 -7.70 23.99 -25.39
C ILE C 172 -8.22 22.59 -25.04
N SER C 173 -9.38 22.22 -25.56
CA SER C 173 -9.96 20.87 -25.41
C SER C 173 -9.79 20.15 -26.74
N LEU C 174 -9.12 19.00 -26.73
CA LEU C 174 -8.87 18.23 -27.96
C LEU C 174 -9.47 16.85 -27.81
N PRO C 175 -10.01 16.25 -28.89
CA PRO C 175 -10.68 14.96 -28.81
C PRO C 175 -9.65 13.87 -28.46
N LYS C 176 -9.98 13.02 -27.47
CA LYS C 176 -9.05 11.97 -26.99
C LYS C 176 -8.70 11.04 -28.17
N ASN C 177 -9.65 10.82 -29.08
CA ASN C 177 -9.56 9.83 -30.19
C ASN C 177 -8.74 10.42 -31.35
N ASP C 178 -8.28 11.66 -31.27
CA ASP C 178 -7.39 12.22 -32.31
C ASP C 178 -6.31 13.11 -31.68
N LEU C 179 -5.87 12.78 -30.45
CA LEU C 179 -5.08 13.74 -29.62
C LEU C 179 -3.76 14.10 -30.31
N LEU C 180 -2.98 13.10 -30.76
CA LEU C 180 -1.61 13.29 -31.30
C LEU C 180 -1.68 14.16 -32.58
N GLN C 181 -2.54 13.81 -33.54
CA GLN C 181 -2.78 14.63 -34.77
C GLN C 181 -3.16 16.06 -34.37
N ARG C 182 -4.10 16.19 -33.46
CA ARG C 182 -4.56 17.54 -33.06
C ARG C 182 -3.40 18.33 -32.44
N LEU C 183 -2.49 17.68 -31.67
CA LEU C 183 -1.32 18.36 -31.03
C LEU C 183 -0.33 18.77 -32.13
N ASP C 184 -0.05 17.84 -33.04
CA ASP C 184 0.80 18.00 -34.25
C ASP C 184 0.30 19.20 -35.05
N ALA C 185 -1.01 19.38 -35.19
CA ALA C 185 -1.62 20.46 -36.00
C ALA C 185 -1.41 21.81 -35.29
N LEU C 186 -1.52 21.86 -33.96
CA LEU C 186 -1.24 23.10 -33.16
C LEU C 186 0.23 23.48 -33.28
N VAL C 187 1.14 22.50 -33.21
CA VAL C 187 2.62 22.69 -33.25
C VAL C 187 2.96 23.36 -34.60
N ALA C 188 2.21 23.03 -35.66
CA ALA C 188 2.44 23.52 -37.04
C ALA C 188 1.93 24.96 -37.18
N GLU C 189 0.79 25.28 -36.59
CA GLU C 189 0.18 26.62 -36.72
C GLU C 189 1.02 27.69 -35.96
N GLU C 190 1.78 27.31 -34.91
CA GLU C 190 2.35 28.29 -33.93
C GLU C 190 3.67 27.80 -33.30
N HIS C 191 4.49 28.73 -32.79
CA HIS C 191 5.65 28.46 -31.92
C HIS C 191 5.10 28.07 -30.55
N LEU C 192 4.89 26.77 -30.35
CA LEU C 192 4.58 26.26 -29.01
C LEU C 192 5.18 24.87 -28.83
N THR C 193 5.40 24.52 -27.57
CA THR C 193 6.05 23.24 -27.18
C THR C 193 4.99 22.43 -26.43
N VAL C 194 4.85 21.17 -26.81
CA VAL C 194 3.95 20.23 -26.10
C VAL C 194 4.72 19.63 -24.94
N ASP C 195 4.05 19.45 -23.83
CA ASP C 195 4.63 18.83 -22.62
C ASP C 195 4.93 17.34 -22.91
N ALA C 196 6.02 16.83 -22.37
CA ALA C 196 6.43 15.43 -22.57
C ALA C 196 5.39 14.46 -21.97
N ARG C 197 4.72 14.79 -20.87
CA ARG C 197 3.71 13.84 -20.33
C ARG C 197 2.51 13.83 -21.28
N VAL C 198 2.12 14.99 -21.79
CA VAL C 198 0.98 15.12 -22.72
C VAL C 198 1.27 14.27 -23.97
N TYR C 199 2.44 14.41 -24.56
CA TYR C 199 2.86 13.76 -25.82
C TYR C 199 2.90 12.25 -25.61
N SER C 200 3.40 11.79 -24.46
CA SER C 200 3.47 10.35 -24.08
C SER C 200 2.07 9.79 -23.98
N TYR C 201 1.20 10.55 -23.33
CA TYR C 201 -0.25 10.20 -23.25
C TYR C 201 -0.82 10.08 -24.68
N ALA C 202 -0.59 11.07 -25.53
CA ALA C 202 -1.16 11.06 -26.90
C ALA C 202 -0.58 9.86 -27.68
N LEU C 203 0.69 9.54 -27.51
CA LEU C 203 1.32 8.43 -28.27
C LEU C 203 0.64 7.11 -27.87
N ALA C 204 0.45 6.87 -26.56
CA ALA C 204 -0.18 5.62 -26.09
C ALA C 204 -1.64 5.54 -26.59
N LEU C 205 -2.37 6.65 -26.59
CA LEU C 205 -3.76 6.62 -27.10
C LEU C 205 -3.70 6.06 -28.53
N LYS C 206 -2.84 6.63 -29.38
CA LYS C 206 -2.61 6.17 -30.77
C LYS C 206 -2.19 4.68 -30.81
N HIS C 207 -1.27 4.24 -29.96
CA HIS C 207 -0.67 2.87 -30.07
C HIS C 207 -1.57 1.80 -29.43
N ALA C 208 -2.55 2.16 -28.64
CA ALA C 208 -3.54 1.19 -28.09
C ALA C 208 -4.41 0.68 -29.25
N LYS D 15 2.81 37.88 -27.55
CA LYS D 15 2.11 38.64 -26.45
C LYS D 15 3.09 38.80 -25.27
N GLN D 16 3.48 37.71 -24.60
CA GLN D 16 4.51 37.75 -23.53
C GLN D 16 5.86 37.47 -24.18
N TYR D 17 6.93 37.93 -23.54
N TYR D 17 6.94 38.00 -23.60
CA TYR D 17 8.32 37.80 -24.06
CA TYR D 17 8.33 37.89 -24.12
C TYR D 17 9.32 37.82 -22.91
C TYR D 17 9.31 37.85 -22.94
N ILE D 18 10.50 37.26 -23.17
CA ILE D 18 11.67 37.30 -22.27
C ILE D 18 12.29 38.69 -22.45
N ILE D 19 12.52 39.39 -21.35
CA ILE D 19 13.18 40.73 -21.34
C ILE D 19 14.68 40.49 -21.15
N SER D 20 15.09 39.62 -20.21
CA SER D 20 16.51 39.34 -19.89
C SER D 20 16.71 37.99 -19.17
N GLU D 21 17.92 37.43 -19.24
CA GLU D 21 18.32 36.20 -18.54
C GLU D 21 19.60 36.47 -17.74
N GLU D 22 19.53 36.48 -16.42
CA GLU D 22 20.73 36.69 -15.54
C GLU D 22 21.24 35.31 -15.11
N LEU D 23 22.53 35.01 -15.36
CA LEU D 23 23.18 33.79 -14.83
C LEU D 23 23.32 33.94 -13.31
N ILE D 24 22.95 32.92 -12.54
CA ILE D 24 23.05 32.94 -11.04
C ILE D 24 24.13 31.96 -10.58
N SER D 25 24.21 30.78 -11.20
CA SER D 25 25.21 29.74 -10.88
C SER D 25 25.24 28.74 -12.04
N GLU D 26 26.45 28.41 -12.51
CA GLU D 26 26.71 27.52 -13.68
C GLU D 26 27.68 26.41 -13.24
N GLY D 27 27.27 25.14 -13.37
CA GLY D 27 28.15 23.97 -13.14
C GLY D 27 28.51 23.35 -14.48
N LYS D 28 29.05 22.13 -14.51
CA LYS D 28 29.51 21.46 -15.75
C LYS D 28 28.31 21.10 -16.64
N TRP D 29 27.21 20.64 -16.03
CA TRP D 29 26.02 20.05 -16.72
C TRP D 29 24.77 20.95 -16.60
N VAL D 30 24.66 21.74 -15.52
CA VAL D 30 23.39 22.42 -15.11
C VAL D 30 23.69 23.86 -14.69
N LYS D 31 22.85 24.82 -15.10
CA LYS D 31 22.96 26.24 -14.70
C LYS D 31 21.60 26.72 -14.17
N LEU D 32 21.61 27.79 -13.38
CA LEU D 32 20.44 28.41 -12.74
C LEU D 32 20.43 29.87 -13.18
N GLU D 33 19.28 30.39 -13.61
CA GLU D 33 19.17 31.76 -14.16
C GLU D 33 17.97 32.44 -13.53
N LYS D 34 18.04 33.77 -13.41
CA LYS D 34 16.87 34.65 -13.12
C LYS D 34 16.34 35.18 -14.46
N THR D 35 15.09 34.81 -14.80
CA THR D 35 14.43 35.22 -16.06
C THR D 35 13.49 36.39 -15.76
N THR D 36 13.65 37.50 -16.47
CA THR D 36 12.70 38.63 -16.41
C THR D 36 11.85 38.58 -17.68
N TYR D 37 10.54 38.71 -17.54
CA TYR D 37 9.65 38.63 -18.72
C TYR D 37 8.51 39.62 -18.55
N MET D 38 7.86 39.94 -19.66
CA MET D 38 6.66 40.82 -19.68
C MET D 38 5.41 39.93 -19.67
N ASP D 39 4.56 40.08 -18.65
CA ASP D 39 3.24 39.39 -18.60
C ASP D 39 2.32 40.06 -19.62
N PRO D 40 1.12 39.52 -19.87
CA PRO D 40 0.26 40.12 -20.90
C PRO D 40 -0.27 41.48 -20.43
N THR D 41 -0.48 41.66 -19.11
CA THR D 41 -1.00 42.92 -18.49
C THR D 41 0.01 44.07 -18.68
N GLY D 42 1.21 43.78 -19.20
CA GLY D 42 2.28 44.78 -19.46
C GLY D 42 3.24 44.92 -18.27
N LYS D 43 3.03 44.15 -17.21
CA LYS D 43 3.87 44.15 -15.98
C LYS D 43 5.10 43.23 -16.14
N THR D 44 6.29 43.75 -15.78
CA THR D 44 7.57 43.01 -15.73
C THR D 44 7.56 42.07 -14.51
N ARG D 45 7.92 40.80 -14.69
CA ARG D 45 8.03 39.80 -13.58
C ARG D 45 9.32 39.00 -13.75
N THR D 46 9.77 38.30 -12.69
CA THR D 46 10.96 37.43 -12.75
C THR D 46 10.58 35.96 -12.47
N TRP D 47 11.47 35.05 -12.85
CA TRP D 47 11.27 33.58 -12.72
C TRP D 47 12.63 32.91 -12.61
N GLU D 48 12.79 32.00 -11.64
CA GLU D 48 14.04 31.20 -11.49
C GLU D 48 13.93 29.98 -12.41
N SER D 49 14.87 29.84 -13.34
CA SER D 49 14.84 28.85 -14.45
C SER D 49 16.13 28.04 -14.44
N VAL D 50 15.99 26.75 -14.64
CA VAL D 50 17.13 25.79 -14.71
C VAL D 50 17.36 25.54 -16.19
N LYS D 51 18.62 25.48 -16.63
CA LYS D 51 18.96 25.09 -18.01
C LYS D 51 20.15 24.15 -17.96
N ARG D 52 20.27 23.30 -18.98
CA ARG D 52 21.47 22.45 -19.22
C ARG D 52 22.50 23.29 -19.98
N THR D 53 23.79 23.02 -19.75
CA THR D 53 24.93 23.76 -20.34
C THR D 53 25.35 23.06 -21.63
N THR D 54 24.83 21.85 -21.87
CA THR D 54 25.37 20.89 -22.86
C THR D 54 24.67 21.06 -24.21
N ARG D 55 23.68 21.95 -24.34
CA ARG D 55 22.91 22.08 -25.61
C ARG D 55 23.66 22.96 -26.60
N LYS D 56 23.63 22.62 -27.90
CA LYS D 56 24.45 23.26 -28.97
C LYS D 56 23.63 23.37 -30.26
N GLU D 57 23.83 22.46 -31.22
CA GLU D 57 23.14 22.41 -32.54
C GLU D 57 21.91 21.51 -32.48
N GLN D 58 21.79 20.70 -31.40
CA GLN D 58 20.71 19.71 -31.21
C GLN D 58 19.36 20.43 -31.09
N THR D 59 18.32 19.89 -31.71
CA THR D 59 16.90 20.35 -31.65
C THR D 59 16.31 20.11 -30.26
N ALA D 60 17.05 19.44 -29.36
CA ALA D 60 16.62 19.14 -27.99
C ALA D 60 17.83 18.67 -27.19
N ASP D 61 17.74 18.64 -25.87
CA ASP D 61 18.84 18.10 -25.01
C ASP D 61 19.00 16.60 -25.29
N GLY D 62 17.89 15.87 -25.33
CA GLY D 62 17.91 14.39 -25.25
C GLY D 62 16.88 13.71 -26.12
N VAL D 63 16.94 12.38 -26.09
CA VAL D 63 15.87 11.48 -26.60
C VAL D 63 15.41 10.60 -25.43
N ALA D 64 14.16 10.21 -25.48
CA ALA D 64 13.58 9.12 -24.64
C ALA D 64 12.98 8.17 -25.66
N VAL D 65 13.22 6.88 -25.51
CA VAL D 65 12.81 5.85 -26.50
C VAL D 65 11.67 5.02 -25.90
N ILE D 66 10.59 4.89 -26.67
CA ILE D 66 9.46 3.98 -26.40
C ILE D 66 9.70 2.73 -27.25
N PRO D 67 10.35 1.70 -26.68
CA PRO D 67 10.75 0.49 -27.42
C PRO D 67 9.70 -0.63 -27.28
N VAL D 68 9.03 -0.95 -28.39
CA VAL D 68 7.95 -1.95 -28.50
C VAL D 68 8.58 -3.26 -29.04
N LEU D 69 8.85 -4.23 -28.17
CA LEU D 69 9.39 -5.57 -28.55
C LEU D 69 8.26 -6.44 -29.12
N GLN D 70 8.34 -6.75 -30.42
CA GLN D 70 7.30 -7.46 -31.20
C GLN D 70 7.82 -8.86 -31.59
N ARG D 71 7.06 -9.92 -31.25
CA ARG D 71 7.27 -11.31 -31.76
C ARG D 71 5.94 -11.81 -32.36
N THR D 72 5.97 -12.46 -33.53
CA THR D 72 4.74 -13.03 -34.13
C THR D 72 4.18 -14.06 -33.15
N LEU D 73 2.85 -14.15 -33.05
CA LEU D 73 2.16 -15.11 -32.13
C LEU D 73 2.44 -14.80 -30.64
N HIS D 74 2.87 -13.58 -30.32
N HIS D 74 2.83 -13.56 -30.32
CA HIS D 74 3.17 -13.10 -28.94
CA HIS D 74 3.10 -13.12 -28.93
C HIS D 74 2.53 -11.73 -28.73
C HIS D 74 2.69 -11.66 -28.73
N TYR D 75 2.35 -11.30 -27.49
CA TYR D 75 1.90 -9.95 -27.08
C TYR D 75 3.13 -9.03 -26.98
N GLU D 76 2.93 -7.75 -27.27
CA GLU D 76 4.01 -6.74 -27.29
C GLU D 76 4.40 -6.45 -25.84
N CYS D 77 5.66 -6.09 -25.68
CA CYS D 77 6.34 -5.69 -24.45
C CYS D 77 6.94 -4.30 -24.65
N ILE D 78 6.96 -3.52 -23.58
CA ILE D 78 7.54 -2.16 -23.58
C ILE D 78 8.83 -2.33 -22.81
N VAL D 79 9.96 -2.04 -23.45
CA VAL D 79 11.29 -2.28 -22.83
C VAL D 79 11.62 -1.05 -21.99
N LEU D 80 11.66 -1.17 -20.68
CA LEU D 80 12.03 -0.04 -19.81
C LEU D 80 13.42 -0.31 -19.29
N VAL D 81 13.99 0.68 -18.60
CA VAL D 81 15.30 0.53 -17.92
C VAL D 81 15.12 1.04 -16.51
N LYS D 82 15.84 0.40 -15.58
CA LYS D 82 15.93 0.84 -14.16
C LYS D 82 17.38 1.21 -13.86
N GLN D 83 17.58 2.32 -13.13
CA GLN D 83 18.93 2.83 -12.79
C GLN D 83 18.78 3.74 -11.58
N PHE D 84 19.84 3.85 -10.81
CA PHE D 84 20.02 4.84 -9.74
C PHE D 84 20.12 6.23 -10.37
N ARG D 85 19.30 7.16 -9.85
CA ARG D 85 19.30 8.59 -10.24
C ARG D 85 19.69 9.40 -9.02
N PRO D 86 20.95 9.89 -8.98
CA PRO D 86 21.43 10.70 -7.87
C PRO D 86 20.47 11.81 -7.46
N PRO D 87 19.85 12.56 -8.40
CA PRO D 87 18.92 13.61 -8.01
C PRO D 87 17.73 13.07 -7.18
N MET D 88 17.24 11.88 -7.53
CA MET D 88 16.05 11.24 -6.88
C MET D 88 16.52 10.49 -5.62
N GLY D 89 17.84 10.30 -5.48
CA GLY D 89 18.40 9.51 -4.37
C GLY D 89 17.81 8.12 -4.32
N GLY D 90 17.58 7.49 -5.48
CA GLY D 90 16.85 6.20 -5.52
C GLY D 90 16.76 5.72 -6.93
N TYR D 91 16.28 4.51 -7.12
CA TYR D 91 16.17 3.85 -8.45
C TYR D 91 14.89 4.33 -9.15
N CYS D 92 14.95 4.51 -10.48
CA CYS D 92 13.80 4.99 -11.27
C CYS D 92 13.61 4.05 -12.44
N ILE D 93 12.36 3.83 -12.80
CA ILE D 93 11.96 3.04 -13.96
C ILE D 93 11.57 4.04 -15.05
N GLU D 94 12.28 4.01 -16.17
CA GLU D 94 12.17 5.06 -17.22
C GLU D 94 12.16 4.39 -18.57
N PHE D 95 11.77 5.14 -19.62
CA PHE D 95 12.09 4.77 -21.00
C PHE D 95 13.62 4.92 -21.15
N PRO D 96 14.30 4.06 -21.94
CA PRO D 96 15.70 4.28 -22.27
C PRO D 96 15.83 5.70 -22.84
N ALA D 97 16.90 6.40 -22.48
CA ALA D 97 17.03 7.85 -22.72
C ALA D 97 18.51 8.21 -22.69
N GLY D 98 18.90 9.23 -23.46
CA GLY D 98 20.26 9.80 -23.37
C GLY D 98 20.36 11.16 -24.02
N LEU D 99 21.42 11.93 -23.74
CA LEU D 99 21.63 13.22 -24.44
C LEU D 99 21.99 12.92 -25.90
N ILE D 100 21.59 13.81 -26.81
CA ILE D 100 21.97 13.70 -28.24
C ILE D 100 23.40 14.24 -28.34
N ASP D 101 24.29 13.51 -29.03
CA ASP D 101 25.73 13.89 -29.17
C ASP D 101 25.76 15.00 -30.24
N ASP D 102 26.77 15.88 -30.22
CA ASP D 102 26.87 16.98 -31.23
C ASP D 102 26.95 16.35 -32.63
N GLY D 103 26.07 16.77 -33.55
CA GLY D 103 26.06 16.35 -34.97
C GLY D 103 25.30 15.05 -35.23
N GLU D 104 24.50 14.60 -34.26
CA GLU D 104 23.76 13.31 -34.30
C GLU D 104 22.27 13.62 -34.43
N THR D 105 21.52 12.91 -35.26
CA THR D 105 20.07 13.17 -35.37
C THR D 105 19.39 12.60 -34.12
N PRO D 106 18.17 13.08 -33.77
CA PRO D 106 17.36 12.41 -32.75
C PRO D 106 17.19 10.91 -33.02
N GLU D 107 16.83 10.52 -34.26
CA GLU D 107 16.58 9.10 -34.66
C GLU D 107 17.81 8.26 -34.36
N ALA D 108 19.02 8.77 -34.65
CA ALA D 108 20.26 7.97 -34.54
C ALA D 108 20.55 7.84 -33.05
N ALA D 109 20.30 8.90 -32.28
CA ALA D 109 20.56 8.92 -30.83
C ALA D 109 19.62 7.90 -30.14
N ALA D 110 18.38 7.82 -30.60
CA ALA D 110 17.40 6.84 -30.07
C ALA D 110 17.94 5.42 -30.29
N LEU D 111 18.21 5.03 -31.54
CA LEU D 111 18.69 3.63 -31.83
C LEU D 111 19.99 3.36 -31.07
N ARG D 112 20.87 4.37 -30.95
CA ARG D 112 22.16 4.18 -30.24
C ARG D 112 21.90 4.03 -28.74
N GLU D 113 21.17 4.95 -28.16
CA GLU D 113 20.86 4.93 -26.72
C GLU D 113 20.07 3.65 -26.39
N LEU D 114 19.22 3.19 -27.30
CA LEU D 114 18.44 1.96 -27.02
C LEU D 114 19.36 0.72 -27.00
N GLU D 115 20.24 0.60 -28.00
CA GLU D 115 21.20 -0.54 -28.08
C GLU D 115 22.18 -0.46 -26.91
N GLU D 116 22.72 0.71 -26.62
CA GLU D 116 23.60 0.90 -25.44
C GLU D 116 22.88 0.39 -24.19
N GLU D 117 21.65 0.82 -23.94
CA GLU D 117 21.03 0.67 -22.61
C GLU D 117 20.34 -0.71 -22.51
N THR D 118 19.93 -1.31 -23.63
CA THR D 118 19.11 -2.54 -23.63
C THR D 118 19.71 -3.69 -24.46
N GLY D 119 20.59 -3.42 -25.44
CA GLY D 119 21.13 -4.42 -26.40
C GLY D 119 20.31 -4.52 -27.68
N TYR D 120 19.08 -3.98 -27.72
CA TYR D 120 18.16 -4.23 -28.85
C TYR D 120 18.52 -3.32 -30.02
N LYS D 121 18.30 -3.83 -31.24
CA LYS D 121 18.49 -3.14 -32.55
C LYS D 121 17.11 -2.81 -33.06
N GLY D 122 16.67 -1.57 -32.83
CA GLY D 122 15.30 -1.14 -33.11
C GLY D 122 15.19 -0.58 -34.50
N ASP D 123 13.97 -0.38 -34.98
CA ASP D 123 13.64 0.33 -36.25
C ASP D 123 12.75 1.53 -35.92
N ILE D 124 13.02 2.68 -36.56
CA ILE D 124 12.29 3.94 -36.26
C ILE D 124 10.86 3.79 -36.75
N ALA D 125 9.91 4.06 -35.87
CA ALA D 125 8.46 4.09 -36.18
C ALA D 125 8.06 5.56 -36.28
N GLU D 126 8.48 6.39 -35.32
CA GLU D 126 8.12 7.84 -35.36
C GLU D 126 8.95 8.60 -34.35
N CYS D 127 9.04 9.91 -34.56
CA CYS D 127 9.86 10.80 -33.73
C CYS D 127 9.04 12.06 -33.48
N SER D 128 8.90 12.44 -32.21
CA SER D 128 8.21 13.66 -31.77
C SER D 128 9.01 14.89 -32.18
N PRO D 129 8.37 16.07 -32.25
CA PRO D 129 9.11 17.32 -32.17
C PRO D 129 9.68 17.39 -30.74
N ALA D 130 10.45 18.43 -30.48
CA ALA D 130 11.07 18.65 -29.17
C ALA D 130 9.95 18.96 -28.16
N VAL D 131 9.93 18.23 -27.04
CA VAL D 131 8.84 18.31 -26.03
C VAL D 131 9.49 18.69 -24.70
N CYS D 132 8.82 19.48 -23.85
CA CYS D 132 9.39 20.05 -22.61
C CYS D 132 9.25 19.05 -21.46
N MET D 133 10.31 18.86 -20.71
CA MET D 133 10.39 17.91 -19.58
C MET D 133 9.72 18.46 -18.31
N ASP D 134 9.87 19.73 -18.03
CA ASP D 134 9.25 20.34 -16.83
C ASP D 134 9.27 21.85 -17.03
N PRO D 135 8.33 22.44 -17.81
CA PRO D 135 8.52 23.77 -18.37
C PRO D 135 8.47 24.88 -17.29
N GLY D 136 7.78 24.63 -16.18
CA GLY D 136 7.76 25.54 -15.02
C GLY D 136 9.12 25.63 -14.33
N LEU D 137 10.02 24.69 -14.58
CA LEU D 137 11.31 24.58 -13.85
C LEU D 137 12.49 24.83 -14.78
N SER D 138 12.50 24.25 -15.96
CA SER D 138 13.70 24.09 -16.80
C SER D 138 13.31 24.32 -18.26
N ASN D 139 14.30 24.52 -19.12
CA ASN D 139 14.09 24.67 -20.57
C ASN D 139 14.31 23.30 -21.20
N CYS D 140 14.45 22.25 -20.40
CA CYS D 140 14.92 20.95 -20.90
C CYS D 140 13.88 20.35 -21.83
N THR D 141 14.35 19.82 -22.97
CA THR D 141 13.51 19.16 -23.98
C THR D 141 14.11 17.83 -24.43
N ILE D 142 13.24 16.99 -24.93
CA ILE D 142 13.63 15.72 -25.59
C ILE D 142 12.78 15.55 -26.84
N HIS D 143 13.27 14.67 -27.70
CA HIS D 143 12.42 13.99 -28.69
C HIS D 143 12.01 12.66 -28.07
N ILE D 144 10.72 12.35 -28.13
CA ILE D 144 10.20 11.00 -27.80
C ILE D 144 10.18 10.20 -29.10
N VAL D 145 10.99 9.13 -29.14
CA VAL D 145 11.16 8.27 -30.34
C VAL D 145 10.54 6.91 -30.04
N THR D 146 9.47 6.58 -30.78
CA THR D 146 8.81 5.25 -30.81
C THR D 146 9.66 4.34 -31.74
N VAL D 147 10.09 3.20 -31.23
CA VAL D 147 11.03 2.26 -31.90
C VAL D 147 10.47 0.84 -31.74
N THR D 148 10.24 0.15 -32.86
CA THR D 148 9.79 -1.27 -32.86
C THR D 148 11.03 -2.16 -32.91
N ILE D 149 11.06 -3.19 -32.08
CA ILE D 149 12.15 -4.19 -32.03
C ILE D 149 11.58 -5.47 -32.64
N ASN D 150 12.17 -5.92 -33.74
CA ASN D 150 11.79 -7.20 -34.39
C ASN D 150 12.41 -8.32 -33.56
N GLY D 151 11.70 -8.79 -32.53
CA GLY D 151 12.18 -9.83 -31.59
C GLY D 151 12.34 -11.19 -32.26
N ASP D 152 11.91 -11.36 -33.52
CA ASP D 152 12.04 -12.60 -34.33
C ASP D 152 13.38 -12.64 -35.11
N ASP D 153 14.30 -11.70 -34.82
CA ASP D 153 15.63 -11.62 -35.46
C ASP D 153 16.67 -12.09 -34.44
N GLU D 155 19.59 -11.06 -33.97
CA GLU D 155 20.35 -10.01 -33.22
C GLU D 155 19.58 -9.60 -31.96
N ASN D 156 18.25 -9.76 -31.97
CA ASN D 156 17.36 -9.38 -30.85
C ASN D 156 16.96 -10.62 -30.04
N ALA D 157 17.53 -11.80 -30.35
CA ALA D 157 17.25 -13.06 -29.63
C ALA D 157 17.52 -12.90 -28.12
N ARG D 158 18.75 -12.58 -27.73
CA ARG D 158 19.16 -12.50 -26.29
C ARG D 158 20.26 -11.46 -26.10
N PRO D 159 20.09 -10.21 -26.60
CA PRO D 159 21.14 -9.19 -26.54
C PRO D 159 21.38 -8.63 -25.13
N LYS D 160 22.56 -8.06 -24.89
CA LYS D 160 23.00 -7.47 -23.59
C LYS D 160 23.38 -6.00 -23.77
N PRO D 161 23.17 -5.14 -22.75
CA PRO D 161 23.50 -3.72 -22.87
C PRO D 161 25.02 -3.55 -23.02
N LYS D 162 25.48 -2.51 -23.71
CA LYS D 162 26.90 -2.03 -23.67
C LYS D 162 26.94 -0.61 -23.08
N PRO D 163 26.86 -0.47 -21.74
CA PRO D 163 26.85 0.86 -21.12
C PRO D 163 28.21 1.56 -21.17
N GLY D 164 28.18 2.89 -21.02
CA GLY D 164 29.37 3.73 -20.81
C GLY D 164 29.94 3.50 -19.42
N ASP D 165 31.14 4.05 -19.16
CA ASP D 165 31.75 4.06 -17.81
C ASP D 165 30.74 4.79 -16.91
N GLY D 166 30.55 4.31 -15.67
CA GLY D 166 29.64 4.93 -14.70
C GLY D 166 28.17 4.95 -15.12
N GLU D 167 27.79 4.12 -16.10
CA GLU D 167 26.37 3.86 -16.48
C GLU D 167 26.03 2.41 -16.09
N PHE D 168 25.00 2.23 -15.26
CA PHE D 168 24.56 0.90 -14.74
C PHE D 168 23.04 0.80 -14.90
N VAL D 169 22.56 -0.02 -15.83
CA VAL D 169 21.12 -0.02 -16.23
C VAL D 169 20.62 -1.47 -16.32
N GLU D 170 19.52 -1.79 -15.60
CA GLU D 170 18.77 -3.07 -15.68
C GLU D 170 17.62 -2.92 -16.68
N VAL D 171 17.49 -3.85 -17.61
CA VAL D 171 16.36 -3.94 -18.58
C VAL D 171 15.17 -4.53 -17.82
N ILE D 172 14.01 -3.92 -17.96
CA ILE D 172 12.71 -4.38 -17.40
C ILE D 172 11.74 -4.38 -18.58
N SER D 173 11.49 -5.56 -19.13
CA SER D 173 10.52 -5.76 -20.24
C SER D 173 9.16 -6.10 -19.62
N LEU D 174 8.15 -5.23 -19.79
CA LEU D 174 6.77 -5.44 -19.29
C LEU D 174 5.79 -5.57 -20.45
N PRO D 175 4.76 -6.42 -20.29
CA PRO D 175 3.74 -6.58 -21.32
C PRO D 175 3.03 -5.22 -21.42
N LYS D 176 2.85 -4.77 -22.65
CA LYS D 176 2.10 -3.55 -22.99
C LYS D 176 0.67 -3.66 -22.42
N ASN D 177 0.10 -4.86 -22.51
CA ASN D 177 -1.34 -5.13 -22.30
C ASN D 177 -1.69 -5.00 -20.82
N ASP D 178 -0.72 -4.88 -19.93
CA ASP D 178 -1.01 -4.79 -18.49
C ASP D 178 -0.03 -3.81 -17.86
N LEU D 179 0.47 -2.87 -18.65
CA LEU D 179 1.63 -2.03 -18.26
C LEU D 179 1.33 -1.30 -16.96
N LEU D 180 0.16 -0.65 -16.87
CA LEU D 180 -0.17 0.22 -15.71
C LEU D 180 -0.19 -0.63 -14.43
N GLN D 181 -0.77 -1.85 -14.49
CA GLN D 181 -0.92 -2.71 -13.27
C GLN D 181 0.46 -3.19 -12.82
N ARG D 182 1.33 -3.48 -13.78
CA ARG D 182 2.72 -3.95 -13.49
C ARG D 182 3.53 -2.85 -12.83
N LEU D 183 3.42 -1.61 -13.30
CA LEU D 183 4.11 -0.44 -12.69
C LEU D 183 3.59 -0.24 -11.26
N ASP D 184 2.26 -0.23 -11.10
CA ASP D 184 1.63 -0.05 -9.76
C ASP D 184 2.19 -1.12 -8.82
N ALA D 185 2.33 -2.36 -9.31
CA ALA D 185 2.76 -3.55 -8.55
C ALA D 185 4.22 -3.35 -8.13
N LEU D 186 5.09 -2.98 -9.08
CA LEU D 186 6.51 -2.62 -8.81
C LEU D 186 6.60 -1.55 -7.71
N VAL D 187 5.77 -0.52 -7.76
CA VAL D 187 5.80 0.63 -6.82
C VAL D 187 5.31 0.19 -5.45
N ALA D 188 4.39 -0.79 -5.39
CA ALA D 188 3.78 -1.26 -4.12
C ALA D 188 4.85 -2.06 -3.36
N GLU D 189 5.73 -2.74 -4.09
CA GLU D 189 6.63 -3.76 -3.47
C GLU D 189 8.08 -3.27 -3.36
N GLU D 190 8.59 -2.44 -4.28
CA GLU D 190 10.05 -2.13 -4.40
C GLU D 190 10.32 -0.64 -4.19
N HIS D 191 11.51 -0.33 -3.66
CA HIS D 191 12.01 1.03 -3.41
C HIS D 191 12.36 1.60 -4.78
N LEU D 192 11.41 2.23 -5.45
CA LEU D 192 11.74 2.85 -6.77
C LEU D 192 10.63 3.82 -7.14
N THR D 193 10.91 4.64 -8.16
CA THR D 193 9.98 5.67 -8.70
C THR D 193 9.80 5.39 -10.20
N VAL D 194 8.54 5.40 -10.61
CA VAL D 194 8.20 5.30 -12.05
C VAL D 194 8.27 6.72 -12.57
N ASP D 195 8.77 6.82 -13.79
CA ASP D 195 8.84 8.10 -14.52
C ASP D 195 7.45 8.53 -14.96
N ALA D 196 7.22 9.83 -14.91
CA ALA D 196 5.91 10.43 -15.24
C ALA D 196 5.52 10.18 -16.69
N ARG D 197 6.49 10.15 -17.62
CA ARG D 197 6.22 9.88 -19.06
C ARG D 197 5.81 8.41 -19.21
N VAL D 198 6.50 7.49 -18.52
CA VAL D 198 6.15 6.04 -18.57
C VAL D 198 4.73 5.86 -18.03
N TYR D 199 4.42 6.51 -16.91
CA TYR D 199 3.13 6.38 -16.23
C TYR D 199 2.03 7.00 -17.10
N SER D 200 2.30 8.14 -17.72
CA SER D 200 1.33 8.81 -18.61
C SER D 200 1.08 7.87 -19.80
N TYR D 201 2.11 7.25 -20.36
CA TYR D 201 1.99 6.23 -21.44
C TYR D 201 1.06 5.10 -20.98
N ALA D 202 1.30 4.56 -19.80
CA ALA D 202 0.57 3.39 -19.25
C ALA D 202 -0.90 3.73 -18.96
N LEU D 203 -1.17 4.92 -18.43
CA LEU D 203 -2.56 5.42 -18.27
C LEU D 203 -3.30 5.45 -19.58
N ALA D 204 -2.74 6.08 -20.62
CA ALA D 204 -3.42 6.26 -21.92
C ALA D 204 -3.75 4.90 -22.56
N LEU D 205 -2.95 3.85 -22.32
CA LEU D 205 -3.25 2.48 -22.84
C LEU D 205 -4.57 1.99 -22.20
N LYS D 206 -4.87 2.40 -20.97
CA LYS D 206 -6.17 2.03 -20.32
C LYS D 206 -7.24 3.00 -20.80
N HIS D 207 -6.92 4.27 -20.98
CA HIS D 207 -7.92 5.33 -21.30
C HIS D 207 -8.42 5.25 -22.75
N ALA D 208 -7.56 4.81 -23.66
CA ALA D 208 -7.85 4.68 -25.10
C ALA D 208 -9.22 3.99 -25.30
N ASN D 209 -10.02 4.48 -26.24
CA ASN D 209 -11.37 3.94 -26.58
C ASN D 209 -12.46 4.97 -26.27
#